data_9K1N
#
_entry.id   9K1N
#
_cell.length_a   197.555
_cell.length_b   197.555
_cell.length_c   136.323
_cell.angle_alpha   90.00
_cell.angle_beta   90.00
_cell.angle_gamma   90.00
#
_symmetry.space_group_name_H-M   'I 4 2 2'
#
loop_
_entity.id
_entity.type
_entity.pdbx_description
1 polymer 'Endo-1,4-beta-xylanase 2'
2 polymer 'Xylanase inhibitor protein XIP'
3 water water
#
loop_
_entity_poly.entity_id
_entity_poly.type
_entity_poly.pdbx_seq_one_letter_code
_entity_poly.pdbx_strand_id
1 'polypeptide(L)'
;MHHHHHHLPNELEKRAITSNEQGTNNGYFYSFWTNGGGSVSYNNGAAGQYSVNWKDCGSFTSGKGWATGSARNINFSGSF
NPSGNAYLAVYGWTTSPLVEYYIMENYGEYNPGSSMAHKGTVTSDGSVYDIYAHQQVNQPSIVGTATFNQYWSIRRNKRS
SGTVTTANHFNAWSRLGMGLGSHNYQIVNTEGYQSSGSASITVS
;
C,D
2 'polypeptide(L)'
;MAVSATSQNTGDTVIIWGRNKDEGSLREACDAGRYTTVIISFLSAFGYIPGTYKLDISGHQVSAVGPDIKYCQSKGKLIL
LAIGGQGGEYSLPSSQAAVDLHDHLWYSYLGGRRNGVYRPFGDANVNGIDFFIDQGAREHYNELAKMLYDHNKDYRATVG
VMVTATTRCGYPDHRLDEALATGLFHRIHVKMFSDGRCPAWSRRQSFEKWAKTYPQSRVLIGVVASPDVDKDAYMPPEAL
NNLLQFINKQPNFGGVMVWDRFYDKKTGFTAHLHHHHHH
;
B,A
#
# COMPACT_ATOMS: atom_id res chain seq x y z
N GLU A 13 -22.91 4.23 25.92
CA GLU A 13 -21.90 3.38 25.29
C GLU A 13 -21.84 3.61 23.80
N LYS A 14 -22.78 4.40 23.28
CA LYS A 14 -22.80 4.75 21.87
C LYS A 14 -21.80 5.85 21.53
N ARG A 15 -21.41 6.66 22.52
CA ARG A 15 -20.46 7.74 22.29
C ARG A 15 -19.05 7.17 22.20
N ALA A 16 -18.29 7.62 21.20
CA ALA A 16 -16.94 7.14 20.98
C ALA A 16 -16.19 8.12 20.10
N ILE A 17 -14.88 7.93 20.00
CA ILE A 17 -14.01 8.74 19.15
C ILE A 17 -13.82 8.00 17.83
N THR A 18 -14.09 8.69 16.72
CA THR A 18 -13.94 8.08 15.40
C THR A 18 -13.08 8.91 14.45
N SER A 19 -12.54 10.04 14.89
CA SER A 19 -11.59 10.82 14.11
C SER A 19 -10.30 10.97 14.91
N ASN A 20 -9.24 11.38 14.20
CA ASN A 20 -7.92 11.46 14.81
C ASN A 20 -7.91 12.44 15.98
N GLU A 21 -7.41 11.97 17.13
CA GLU A 21 -7.28 12.81 18.31
C GLU A 21 -6.02 12.42 19.08
N GLN A 22 -5.51 13.37 19.84
CA GLN A 22 -4.30 13.18 20.63
C GLN A 22 -4.35 14.12 21.83
N GLY A 23 -3.96 13.60 22.99
CA GLY A 23 -3.97 14.41 24.20
C GLY A 23 -3.68 13.55 25.41
N THR A 24 -4.16 14.01 26.56
CA THR A 24 -4.03 13.27 27.80
C THR A 24 -5.40 13.00 28.40
N ASN A 25 -5.52 11.88 29.09
CA ASN A 25 -6.78 11.45 29.69
C ASN A 25 -6.47 10.69 30.97
N ASN A 26 -6.93 11.23 32.10
CA ASN A 26 -6.70 10.64 33.42
C ASN A 26 -5.21 10.44 33.69
N GLY A 27 -4.42 11.46 33.36
CA GLY A 27 -2.99 11.44 33.59
C GLY A 27 -2.17 10.77 32.51
N TYR A 28 -2.79 9.99 31.63
CA TYR A 28 -2.08 9.26 30.59
C TYR A 28 -2.20 9.95 29.25
N PHE A 29 -1.11 9.97 28.49
CA PHE A 29 -1.16 10.41 27.11
C PHE A 29 -1.87 9.35 26.27
N TYR A 30 -2.68 9.80 25.32
CA TYR A 30 -3.40 8.88 24.43
C TYR A 30 -3.36 9.41 23.01
N SER A 31 -3.41 8.47 22.06
CA SER A 31 -3.40 8.82 20.64
C SER A 31 -4.26 7.83 19.88
N PHE A 32 -5.13 8.35 19.02
CA PHE A 32 -5.90 7.52 18.10
C PHE A 32 -5.76 8.12 16.71
N TRP A 33 -5.27 7.32 15.76
CA TRP A 33 -5.08 7.74 14.38
C TRP A 33 -5.69 6.69 13.47
N THR A 34 -6.36 7.15 12.42
CA THR A 34 -6.93 6.27 11.41
C THR A 34 -6.84 6.96 10.05
N ASN A 35 -6.72 6.15 9.00
CA ASN A 35 -6.76 6.67 7.63
C ASN A 35 -8.18 6.91 7.14
N GLY A 36 -9.18 6.72 8.01
CA GLY A 36 -10.56 6.93 7.65
C GLY A 36 -11.29 5.70 7.14
N GLY A 37 -10.58 4.68 6.73
CA GLY A 37 -11.22 3.51 6.16
C GLY A 37 -12.02 2.73 7.19
N GLY A 38 -13.12 2.14 6.72
CA GLY A 38 -13.98 1.33 7.56
C GLY A 38 -14.60 2.13 8.69
N SER A 39 -14.90 1.43 9.79
CA SER A 39 -15.48 2.03 10.98
C SER A 39 -14.66 1.62 12.19
N VAL A 40 -14.04 2.59 12.86
CA VAL A 40 -13.21 2.35 14.03
C VAL A 40 -13.70 3.27 15.15
N SER A 41 -13.91 2.70 16.33
CA SER A 41 -14.40 3.45 17.49
C SER A 41 -13.46 3.25 18.66
N TYR A 42 -12.98 4.36 19.22
CA TYR A 42 -12.03 4.36 20.32
C TYR A 42 -12.65 5.03 21.53
N ASN A 43 -12.30 4.55 22.72
CA ASN A 43 -12.86 5.07 23.97
C ASN A 43 -11.80 5.07 25.06
N ASN A 44 -11.59 6.22 25.67
CA ASN A 44 -10.74 6.31 26.85
C ASN A 44 -11.51 5.91 28.09
N GLY A 45 -10.80 5.30 29.03
CA GLY A 45 -11.41 4.87 30.27
C GLY A 45 -10.73 5.40 31.51
N ALA A 46 -11.04 4.83 32.66
CA ALA A 46 -10.41 5.24 33.90
C ALA A 46 -8.92 4.91 33.88
N ALA A 47 -8.14 5.75 34.56
CA ALA A 47 -6.69 5.59 34.66
C ALA A 47 -6.05 5.46 33.29
N GLY A 48 -5.34 4.37 33.04
CA GLY A 48 -4.67 4.18 31.78
C GLY A 48 -5.31 3.11 30.91
N GLN A 49 -6.63 3.01 30.96
CA GLN A 49 -7.36 2.01 30.19
C GLN A 49 -8.00 2.65 28.96
N TYR A 50 -8.00 1.89 27.86
CA TYR A 50 -8.68 2.30 26.63
C TYR A 50 -9.29 1.06 25.99
N SER A 51 -10.19 1.30 25.04
CA SER A 51 -10.79 0.22 24.28
C SER A 51 -11.02 0.71 22.86
N VAL A 52 -11.11 -0.24 21.93
CA VAL A 52 -11.30 0.08 20.51
C VAL A 52 -12.08 -1.05 19.86
N ASN A 53 -12.96 -0.68 18.91
CA ASN A 53 -13.74 -1.63 18.14
C ASN A 53 -13.72 -1.18 16.68
N TRP A 54 -13.35 -2.08 15.77
CA TRP A 54 -13.22 -1.74 14.37
C TRP A 54 -13.86 -2.80 13.50
N LYS A 55 -14.28 -2.37 12.30
CA LYS A 55 -14.96 -3.25 11.35
C LYS A 55 -14.53 -2.86 9.95
N ASP A 56 -13.85 -3.77 9.25
CA ASP A 56 -13.36 -3.53 7.89
C ASP A 56 -12.50 -2.27 7.84
N CYS A 57 -11.68 -2.08 8.86
CA CYS A 57 -10.85 -0.88 8.96
C CYS A 57 -9.88 -0.80 7.79
N GLY A 58 -9.34 0.41 7.58
CA GLY A 58 -8.26 0.59 6.65
C GLY A 58 -6.93 0.41 7.35
N SER A 59 -6.53 1.42 8.11
CA SER A 59 -5.33 1.36 8.93
C SER A 59 -5.51 2.31 10.12
N PHE A 60 -5.24 1.81 11.32
CA PHE A 60 -5.38 2.66 12.50
C PHE A 60 -4.39 2.22 13.57
N THR A 61 -4.01 3.19 14.41
CA THR A 61 -3.23 2.94 15.61
C THR A 61 -3.92 3.60 16.79
N SER A 62 -3.81 2.97 17.96
CA SER A 62 -4.54 3.45 19.12
C SER A 62 -3.88 2.92 20.39
N GLY A 63 -3.94 3.73 21.44
CA GLY A 63 -3.43 3.27 22.72
C GLY A 63 -3.13 4.44 23.64
N LYS A 64 -2.93 4.08 24.91
CA LYS A 64 -2.53 5.02 25.95
C LYS A 64 -1.09 4.74 26.35
N GLY A 65 -0.46 5.75 26.95
CA GLY A 65 0.91 5.61 27.38
C GLY A 65 1.51 6.89 27.92
N TRP A 66 2.69 7.26 27.41
CA TRP A 66 3.42 8.42 27.90
C TRP A 66 3.73 9.36 26.73
N ALA A 67 3.60 10.66 26.99
CA ALA A 67 3.87 11.67 25.97
C ALA A 67 5.36 11.82 25.68
N THR A 68 6.23 11.15 26.45
CA THR A 68 7.66 11.15 26.19
C THR A 68 8.19 9.77 26.58
N GLY A 69 8.65 9.02 25.58
CA GLY A 69 9.17 7.70 25.84
C GLY A 69 10.45 7.72 26.65
N SER A 70 10.81 6.55 27.16
CA SER A 70 12.03 6.35 27.94
C SER A 70 12.27 4.85 28.03
N ALA A 71 13.33 4.48 28.75
CA ALA A 71 13.64 3.08 28.99
C ALA A 71 12.84 2.53 30.15
N ARG A 72 11.66 3.10 30.37
CA ARG A 72 10.81 2.69 31.48
C ARG A 72 10.28 1.28 31.28
N ASN A 73 9.86 0.66 32.38
CA ASN A 73 9.11 -0.59 32.32
C ASN A 73 7.64 -0.28 32.07
N ILE A 74 7.00 -1.11 31.27
CA ILE A 74 5.63 -0.86 30.81
C ILE A 74 4.77 -2.06 31.20
N ASN A 75 3.68 -1.78 31.93
CA ASN A 75 2.74 -2.81 32.35
C ASN A 75 1.46 -2.69 31.53
N PHE A 76 1.00 -3.82 31.00
CA PHE A 76 -0.21 -3.86 30.21
C PHE A 76 -0.99 -5.12 30.56
N SER A 77 -2.31 -5.04 30.43
CA SER A 77 -3.19 -6.17 30.71
C SER A 77 -4.55 -5.88 30.12
N GLY A 78 -5.22 -6.93 29.65
CA GLY A 78 -6.55 -6.78 29.10
C GLY A 78 -6.86 -7.91 28.12
N SER A 79 -7.78 -7.62 27.21
CA SER A 79 -8.24 -8.58 26.21
C SER A 79 -7.99 -8.03 24.82
N PHE A 80 -7.60 -8.92 23.90
CA PHE A 80 -7.22 -8.55 22.54
C PHE A 80 -7.78 -9.62 21.60
N ASN A 81 -8.87 -9.29 20.90
CA ASN A 81 -9.60 -10.25 20.08
C ASN A 81 -9.76 -9.72 18.65
N PRO A 82 -8.75 -9.90 17.81
CA PRO A 82 -8.87 -9.50 16.41
C PRO A 82 -9.40 -10.61 15.53
N SER A 83 -10.08 -10.20 14.46
CA SER A 83 -10.54 -11.10 13.41
C SER A 83 -9.85 -10.65 12.12
N GLY A 84 -8.56 -10.95 12.02
CA GLY A 84 -7.76 -10.52 10.89
C GLY A 84 -6.41 -9.98 11.30
N ASN A 85 -5.87 -9.04 10.52
CA ASN A 85 -4.56 -8.48 10.79
C ASN A 85 -4.65 -7.41 11.85
N ALA A 86 -3.97 -7.62 12.98
CA ALA A 86 -3.94 -6.62 14.05
C ALA A 86 -2.73 -6.90 14.95
N TYR A 87 -2.22 -5.83 15.55
CA TYR A 87 -1.06 -5.90 16.43
C TYR A 87 -1.41 -5.40 17.83
N LEU A 88 -0.72 -5.93 18.82
CA LEU A 88 -0.69 -5.38 20.17
C LEU A 88 0.77 -5.28 20.59
N ALA A 89 1.24 -4.07 20.85
CA ALA A 89 2.67 -3.87 21.06
C ALA A 89 2.95 -2.60 21.81
N VAL A 90 4.05 -2.60 22.57
CA VAL A 90 4.68 -1.36 22.97
C VAL A 90 5.21 -0.66 21.73
N TYR A 91 4.89 0.61 21.59
CA TYR A 91 5.06 1.28 20.31
C TYR A 91 5.40 2.75 20.53
N GLY A 92 6.27 3.29 19.69
CA GLY A 92 6.66 4.68 19.84
C GLY A 92 7.55 5.12 18.70
N TRP A 93 7.93 6.40 18.78
CA TRP A 93 8.74 7.04 17.76
C TRP A 93 9.90 7.78 18.40
N THR A 94 11.02 7.82 17.69
CA THR A 94 12.16 8.65 18.05
C THR A 94 12.56 9.48 16.84
N THR A 95 13.12 10.66 17.10
CA THR A 95 13.51 11.60 16.06
C THR A 95 15.03 11.77 16.08
N SER A 96 15.60 11.89 14.87
CA SER A 96 17.04 12.06 14.66
C SER A 96 17.83 11.02 15.45
N PRO A 97 17.86 9.75 15.01
CA PRO A 97 17.24 9.25 13.77
C PRO A 97 15.74 9.00 13.89
N LEU A 98 15.02 9.20 12.79
CA LEU A 98 13.62 8.85 12.73
C LEU A 98 13.45 7.33 12.85
N VAL A 99 12.76 6.90 13.90
CA VAL A 99 12.58 5.48 14.17
C VAL A 99 11.14 5.24 14.60
N GLU A 100 10.56 4.15 14.09
CA GLU A 100 9.27 3.64 14.55
C GLU A 100 9.51 2.24 15.09
N TYR A 101 9.34 2.06 16.40
CA TYR A 101 9.69 0.81 17.04
C TYR A 101 8.45 0.07 17.56
N TYR A 102 8.46 -1.24 17.38
CA TYR A 102 7.43 -2.15 17.88
C TYR A 102 8.06 -3.14 18.84
N ILE A 103 7.36 -3.42 19.94
CA ILE A 103 7.69 -4.54 20.81
C ILE A 103 6.45 -5.40 20.93
N MET A 104 6.23 -6.28 19.95
CA MET A 104 4.94 -6.95 19.78
C MET A 104 4.79 -8.09 20.78
N GLU A 105 3.74 -8.01 21.59
CA GLU A 105 3.40 -9.07 22.53
C GLU A 105 2.28 -9.97 22.04
N ASN A 106 1.53 -9.54 21.04
CA ASN A 106 0.39 -10.29 20.53
C ASN A 106 0.02 -9.75 19.16
N TYR A 107 -0.51 -10.62 18.31
CA TYR A 107 -0.97 -10.21 16.99
C TYR A 107 -2.04 -11.18 16.51
N GLY A 108 -2.69 -10.79 15.41
CA GLY A 108 -3.78 -11.58 14.86
C GLY A 108 -3.32 -12.68 13.92
N GLU A 109 -3.73 -12.61 12.66
CA GLU A 109 -3.49 -13.67 11.69
C GLU A 109 -2.37 -13.31 10.70
N TYR A 110 -1.55 -12.31 11.02
CA TYR A 110 -0.46 -11.93 10.14
C TYR A 110 0.77 -11.61 10.97
N ASN A 111 1.92 -12.13 10.54
CA ASN A 111 3.21 -11.87 11.17
C ASN A 111 4.12 -11.20 10.15
N PRO A 112 4.47 -9.92 10.34
CA PRO A 112 5.31 -9.24 9.35
C PRO A 112 6.77 -9.64 9.39
N GLY A 113 7.15 -10.63 10.21
CA GLY A 113 8.55 -10.98 10.33
C GLY A 113 9.13 -11.59 9.06
N SER A 114 8.36 -12.47 8.40
CA SER A 114 8.85 -13.15 7.21
C SER A 114 9.09 -12.21 6.03
N SER A 115 8.64 -10.96 6.11
CA SER A 115 8.87 -9.96 5.07
C SER A 115 9.84 -8.88 5.51
N MET A 116 10.59 -9.12 6.59
CA MET A 116 11.55 -8.16 7.10
C MET A 116 12.88 -8.85 7.34
N ALA A 117 13.93 -8.04 7.45
CA ALA A 117 15.29 -8.54 7.64
C ALA A 117 15.47 -9.03 9.07
N HIS A 118 15.44 -10.35 9.24
CA HIS A 118 15.76 -10.94 10.54
C HIS A 118 17.19 -10.55 10.94
N LYS A 119 17.33 -9.96 12.13
CA LYS A 119 18.59 -9.35 12.53
C LYS A 119 19.16 -9.86 13.85
N GLY A 120 18.42 -10.65 14.61
CA GLY A 120 18.95 -11.14 15.87
C GLY A 120 17.86 -11.74 16.74
N THR A 121 18.21 -11.94 18.01
CA THR A 121 17.33 -12.59 18.96
C THR A 121 17.64 -12.08 20.36
N VAL A 122 16.62 -11.55 21.04
CA VAL A 122 16.74 -11.05 22.40
C VAL A 122 15.75 -11.80 23.28
N THR A 123 16.09 -11.93 24.56
CA THR A 123 15.24 -12.60 25.53
C THR A 123 14.98 -11.62 26.68
N SER A 124 13.70 -11.35 26.94
CA SER A 124 13.36 -10.36 27.96
C SER A 124 11.93 -10.59 28.41
N ASP A 125 11.72 -10.39 29.72
CA ASP A 125 10.38 -10.42 30.33
C ASP A 125 9.67 -11.75 30.10
N GLY A 126 10.43 -12.84 30.05
CA GLY A 126 9.86 -14.18 30.07
C GLY A 126 9.80 -14.90 28.75
N SER A 127 10.32 -14.33 27.67
CA SER A 127 10.28 -15.02 26.38
C SER A 127 11.39 -14.49 25.48
N VAL A 128 11.54 -15.14 24.34
CA VAL A 128 12.55 -14.78 23.34
C VAL A 128 11.86 -14.07 22.18
N TYR A 129 12.37 -12.90 21.83
CA TYR A 129 11.86 -12.12 20.72
C TYR A 129 12.74 -12.31 19.50
N ASP A 130 12.11 -12.30 18.32
CA ASP A 130 12.83 -12.20 17.06
C ASP A 130 12.92 -10.74 16.65
N ILE A 131 14.13 -10.27 16.37
CA ILE A 131 14.38 -8.86 16.09
C ILE A 131 14.45 -8.67 14.59
N TYR A 132 13.74 -7.66 14.08
CA TYR A 132 13.75 -7.32 12.67
C TYR A 132 14.00 -5.84 12.50
N ALA A 133 14.45 -5.49 11.30
CA ALA A 133 14.59 -4.10 10.88
C ALA A 133 14.06 -3.96 9.47
N HIS A 134 13.50 -2.79 9.17
CA HIS A 134 12.91 -2.56 7.85
C HIS A 134 12.90 -1.07 7.59
N GLN A 135 13.21 -0.70 6.34
CA GLN A 135 13.30 0.69 5.93
C GLN A 135 12.02 1.12 5.23
N GLN A 136 11.47 2.25 5.64
CA GLN A 136 10.36 2.89 4.96
C GLN A 136 10.89 4.09 4.20
N VAL A 137 10.64 4.11 2.89
CA VAL A 137 11.17 5.16 2.00
C VAL A 137 10.01 6.04 1.55
N ASN A 138 10.09 7.33 1.91
CA ASN A 138 9.08 8.32 1.53
C ASN A 138 7.68 7.86 1.93
N GLN A 139 7.57 7.31 3.14
CA GLN A 139 6.31 6.85 3.71
C GLN A 139 5.82 7.83 4.76
N PRO A 140 4.51 7.92 4.97
CA PRO A 140 4.00 8.84 6.00
C PRO A 140 4.46 8.42 7.39
N SER A 141 4.64 9.40 8.26
CA SER A 141 5.05 9.17 9.64
C SER A 141 4.72 10.43 10.44
N ILE A 142 5.25 10.53 11.66
CA ILE A 142 4.82 11.57 12.59
C ILE A 142 5.36 12.95 12.26
N VAL A 143 6.38 13.06 11.39
CA VAL A 143 6.90 14.36 10.99
C VAL A 143 6.71 14.61 9.48
N GLY A 144 5.76 13.91 8.89
CA GLY A 144 5.47 14.04 7.46
C GLY A 144 6.04 12.89 6.65
N THR A 145 5.98 13.06 5.33
CA THR A 145 6.60 12.08 4.44
C THR A 145 8.12 12.09 4.64
N ALA A 146 8.69 10.92 4.86
CA ALA A 146 10.10 10.83 5.17
C ALA A 146 10.58 9.40 5.00
N THR A 147 11.90 9.22 5.14
CA THR A 147 12.53 7.92 5.11
C THR A 147 13.04 7.58 6.51
N PHE A 148 12.75 6.38 6.98
CA PHE A 148 13.11 5.97 8.32
C PHE A 148 13.15 4.45 8.38
N ASN A 149 13.63 3.94 9.51
CA ASN A 149 13.70 2.51 9.76
C ASN A 149 12.63 2.09 10.76
N GLN A 150 12.23 0.83 10.67
CA GLN A 150 11.31 0.22 11.61
C GLN A 150 12.06 -0.83 12.41
N TYR A 151 12.12 -0.65 13.73
CA TYR A 151 12.73 -1.63 14.62
C TYR A 151 11.63 -2.51 15.19
N TRP A 152 11.84 -3.82 15.17
CA TRP A 152 10.82 -4.77 15.59
C TRP A 152 11.40 -5.75 16.61
N SER A 153 10.61 -6.03 17.64
CA SER A 153 10.87 -7.11 18.58
C SER A 153 9.57 -7.89 18.72
N ILE A 154 9.54 -9.09 18.16
CA ILE A 154 8.31 -9.86 18.02
C ILE A 154 8.39 -11.09 18.91
N ARG A 155 7.48 -11.16 19.89
CA ARG A 155 7.46 -12.28 20.82
C ARG A 155 7.05 -13.57 20.12
N ARG A 156 7.64 -14.68 20.58
CA ARG A 156 7.35 -15.97 19.98
C ARG A 156 6.09 -16.61 20.58
N ASN A 157 5.79 -16.31 21.84
CA ASN A 157 4.54 -16.70 22.46
C ASN A 157 3.70 -15.43 22.68
N LYS A 158 2.40 -15.53 22.43
CA LYS A 158 1.53 -14.37 22.39
C LYS A 158 0.77 -14.26 23.71
N ARG A 159 1.16 -13.29 24.53
CA ARG A 159 0.52 -13.01 25.81
C ARG A 159 -0.32 -11.75 25.71
N SER A 160 -1.29 -11.64 26.61
CA SER A 160 -2.18 -10.48 26.68
C SER A 160 -2.00 -9.67 27.95
N SER A 161 -0.93 -9.90 28.70
CA SER A 161 -0.65 -9.16 29.91
C SER A 161 0.78 -9.44 30.35
N GLY A 162 1.41 -8.44 30.93
CA GLY A 162 2.77 -8.61 31.44
C GLY A 162 3.48 -7.27 31.55
N THR A 163 4.78 -7.37 31.75
CA THR A 163 5.67 -6.22 31.83
C THR A 163 6.64 -6.24 30.65
N VAL A 164 7.03 -5.05 30.21
CA VAL A 164 7.96 -4.89 29.09
C VAL A 164 9.12 -4.04 29.56
N THR A 165 10.28 -4.65 29.77
CA THR A 165 11.50 -3.93 30.10
C THR A 165 12.06 -3.36 28.80
N THR A 166 11.62 -2.15 28.44
CA THR A 166 12.04 -1.56 27.19
C THR A 166 13.54 -1.29 27.14
N ALA A 167 14.20 -1.25 28.30
CA ALA A 167 15.66 -1.07 28.29
C ALA A 167 16.35 -2.27 27.65
N ASN A 168 15.81 -3.47 27.82
CA ASN A 168 16.39 -4.66 27.22
C ASN A 168 16.36 -4.58 25.70
N HIS A 169 15.16 -4.34 25.14
CA HIS A 169 15.03 -4.29 23.69
C HIS A 169 15.82 -3.12 23.11
N PHE A 170 15.84 -1.98 23.80
CA PHE A 170 16.61 -0.84 23.33
C PHE A 170 18.12 -1.12 23.36
N ASN A 171 18.56 -2.07 24.19
CA ASN A 171 19.97 -2.40 24.27
C ASN A 171 20.40 -3.29 23.10
N ALA A 172 19.62 -4.33 22.81
CA ALA A 172 19.94 -5.22 21.70
C ALA A 172 19.91 -4.48 20.37
N TRP A 173 18.97 -3.54 20.22
CA TRP A 173 18.88 -2.77 18.99
C TRP A 173 20.13 -1.91 18.81
N SER A 174 20.49 -1.13 19.84
CA SER A 174 21.73 -0.37 19.79
C SER A 174 22.95 -1.28 19.63
N ARG A 175 22.88 -2.49 20.19
CA ARG A 175 23.94 -3.46 20.02
C ARG A 175 24.07 -3.89 18.56
N LEU A 176 22.97 -3.82 17.80
CA LEU A 176 22.93 -4.29 16.42
C LEU A 176 22.86 -3.13 15.43
N GLY A 177 23.37 -1.96 15.81
CA GLY A 177 23.35 -0.81 14.93
C GLY A 177 22.03 -0.08 14.83
N MET A 178 21.02 -0.51 15.58
CA MET A 178 19.69 0.11 15.54
C MET A 178 19.62 1.09 16.71
N GLY A 179 20.06 2.33 16.47
CA GLY A 179 20.06 3.34 17.51
C GLY A 179 18.80 4.18 17.46
N LEU A 180 18.34 4.57 18.64
CA LEU A 180 17.18 5.45 18.79
C LEU A 180 17.64 6.88 19.03
N GLY A 181 16.76 7.82 18.69
CA GLY A 181 16.99 9.23 18.90
C GLY A 181 16.23 9.78 20.09
N SER A 182 15.86 11.05 20.00
CA SER A 182 15.04 11.66 21.03
C SER A 182 13.64 11.05 21.00
N HIS A 183 13.26 10.41 22.10
CA HIS A 183 11.95 9.76 22.18
C HIS A 183 10.84 10.78 21.96
N ASN A 184 9.78 10.35 21.26
CA ASN A 184 8.66 11.22 20.96
C ASN A 184 7.44 10.87 21.83
N TYR A 185 6.80 9.73 21.58
CA TYR A 185 5.77 9.22 22.49
C TYR A 185 5.93 7.70 22.59
N GLN A 186 5.24 7.13 23.56
CA GLN A 186 5.36 5.71 23.86
C GLN A 186 4.04 5.21 24.43
N ILE A 187 3.43 4.23 23.77
CA ILE A 187 2.12 3.72 24.13
C ILE A 187 2.08 2.21 23.96
N VAL A 188 1.05 1.60 24.52
CA VAL A 188 0.69 0.22 24.21
C VAL A 188 -0.32 0.28 23.07
N ASN A 189 0.13 -0.10 21.87
CA ASN A 189 -0.60 0.20 20.64
C ASN A 189 -1.42 -1.02 20.22
N THR A 190 -2.73 -0.83 20.11
CA THR A 190 -3.61 -1.75 19.40
C THR A 190 -3.78 -1.22 17.98
N GLU A 191 -3.13 -1.88 17.02
CA GLU A 191 -3.10 -1.43 15.64
C GLU A 191 -3.82 -2.44 14.77
N GLY A 192 -4.69 -1.96 13.89
CA GLY A 192 -5.40 -2.84 12.97
C GLY A 192 -5.17 -2.46 11.52
N TYR A 193 -5.33 -3.42 10.62
CA TYR A 193 -5.08 -3.18 9.19
C TYR A 193 -5.95 -4.14 8.39
N GLN A 194 -6.98 -3.60 7.75
CA GLN A 194 -7.89 -4.37 6.89
C GLN A 194 -8.43 -5.59 7.64
N SER A 195 -9.04 -5.32 8.79
CA SER A 195 -9.50 -6.38 9.68
C SER A 195 -10.66 -5.86 10.52
N SER A 196 -11.10 -6.69 11.46
CA SER A 196 -12.11 -6.34 12.44
C SER A 196 -11.69 -6.91 13.78
N GLY A 197 -12.38 -6.50 14.83
CA GLY A 197 -12.15 -7.06 16.15
C GLY A 197 -12.40 -6.02 17.23
N SER A 198 -11.92 -6.37 18.43
CA SER A 198 -12.10 -5.54 19.61
C SER A 198 -10.90 -5.72 20.53
N ALA A 199 -10.65 -4.70 21.34
CA ALA A 199 -9.54 -4.75 22.29
C ALA A 199 -9.85 -3.83 23.46
N SER A 200 -9.46 -4.27 24.66
CA SER A 200 -9.59 -3.46 25.87
C SER A 200 -8.33 -3.68 26.69
N ILE A 201 -7.52 -2.62 26.82
CA ILE A 201 -6.20 -2.71 27.42
C ILE A 201 -6.08 -1.70 28.54
N THR A 202 -5.41 -2.09 29.62
CA THR A 202 -5.04 -1.17 30.69
C THR A 202 -3.53 -0.99 30.67
N VAL A 203 -3.08 0.26 30.76
CA VAL A 203 -1.67 0.61 30.65
C VAL A 203 -1.20 1.22 31.96
N SER A 204 -0.03 0.79 32.43
CA SER A 204 0.52 1.29 33.68
C SER A 204 2.04 1.22 33.68
N LYS B 14 7.09 -30.37 -1.63
CA LYS B 14 7.37 -29.25 -2.52
C LYS B 14 6.72 -29.46 -3.89
N ARG B 15 7.50 -29.27 -4.95
CA ARG B 15 7.04 -29.41 -6.33
C ARG B 15 5.84 -28.49 -6.59
N ALA B 16 6.03 -27.21 -6.27
CA ALA B 16 4.97 -26.21 -6.43
C ALA B 16 5.57 -24.95 -7.04
N ILE B 17 4.73 -24.22 -7.76
CA ILE B 17 5.11 -22.95 -8.35
C ILE B 17 5.14 -21.89 -7.24
N THR B 18 6.27 -21.19 -7.11
CA THR B 18 6.42 -20.15 -6.10
C THR B 18 6.80 -18.80 -6.68
N SER B 19 7.09 -18.70 -7.98
CA SER B 19 7.36 -17.45 -8.64
C SER B 19 6.33 -17.21 -9.74
N ASN B 20 6.30 -15.98 -10.24
CA ASN B 20 5.28 -15.59 -11.22
C ASN B 20 5.37 -16.44 -12.47
N GLU B 21 4.22 -16.95 -12.92
CA GLU B 21 4.14 -17.77 -14.11
C GLU B 21 2.80 -17.53 -14.79
N GLN B 22 2.76 -17.76 -16.11
CA GLN B 22 1.55 -17.61 -16.89
C GLN B 22 1.60 -18.54 -18.09
N GLY B 23 0.46 -19.14 -18.41
CA GLY B 23 0.40 -20.04 -19.56
C GLY B 23 -0.94 -20.76 -19.60
N THR B 24 -0.94 -21.94 -20.20
CA THR B 24 -2.11 -22.79 -20.24
C THR B 24 -1.76 -24.17 -19.69
N ASN B 25 -2.69 -24.75 -18.93
CA ASN B 25 -2.51 -26.06 -18.32
C ASN B 25 -3.79 -26.86 -18.49
N ASN B 26 -3.71 -27.97 -19.21
CA ASN B 26 -4.87 -28.84 -19.48
C ASN B 26 -5.99 -28.04 -20.14
N GLY B 27 -5.63 -27.26 -21.16
CA GLY B 27 -6.57 -26.47 -21.90
C GLY B 27 -6.97 -25.15 -21.27
N TYR B 28 -6.70 -24.95 -19.99
CA TYR B 28 -7.12 -23.75 -19.27
C TYR B 28 -5.96 -22.78 -19.13
N PHE B 29 -6.22 -21.50 -19.40
CA PHE B 29 -5.26 -20.46 -19.07
C PHE B 29 -5.12 -20.35 -17.56
N TYR B 30 -3.90 -20.13 -17.10
CA TYR B 30 -3.63 -19.97 -15.68
C TYR B 30 -2.65 -18.82 -15.46
N SER B 31 -2.77 -18.18 -14.31
CA SER B 31 -1.90 -17.08 -13.93
C SER B 31 -1.63 -17.13 -12.44
N PHE B 32 -0.35 -17.09 -12.07
CA PHE B 32 0.05 -16.96 -10.68
C PHE B 32 0.98 -15.78 -10.56
N TRP B 33 0.58 -14.77 -9.79
CA TRP B 33 1.38 -13.58 -9.57
C TRP B 33 1.53 -13.36 -8.07
N THR B 34 2.73 -12.96 -7.66
CA THR B 34 3.00 -12.63 -6.27
C THR B 34 4.04 -11.52 -6.23
N ASN B 35 3.96 -10.68 -5.21
CA ASN B 35 4.94 -9.63 -4.99
C ASN B 35 6.12 -10.10 -4.14
N GLY B 36 6.22 -11.41 -3.88
CA GLY B 36 7.33 -11.97 -3.14
C GLY B 36 7.16 -12.05 -1.65
N GLY B 37 6.11 -11.42 -1.10
CA GLY B 37 5.95 -11.40 0.35
C GLY B 37 5.58 -12.77 0.89
N GLY B 38 6.27 -13.18 1.96
CA GLY B 38 5.97 -14.42 2.65
C GLY B 38 6.21 -15.64 1.78
N SER B 39 5.41 -16.67 2.03
CA SER B 39 5.50 -17.94 1.30
C SER B 39 4.16 -18.24 0.64
N VAL B 40 4.18 -18.46 -0.67
CA VAL B 40 2.98 -18.79 -1.43
C VAL B 40 3.34 -19.91 -2.41
N SER B 41 2.63 -21.04 -2.31
CA SER B 41 2.88 -22.19 -3.16
C SER B 41 1.64 -22.47 -4.00
N TYR B 42 1.81 -22.44 -5.32
CA TYR B 42 0.72 -22.60 -6.27
C TYR B 42 0.90 -23.89 -7.05
N ASN B 43 -0.20 -24.59 -7.30
CA ASN B 43 -0.15 -25.88 -7.98
C ASN B 43 -1.28 -25.98 -8.99
N ASN B 44 -0.93 -26.32 -10.23
CA ASN B 44 -1.94 -26.64 -11.23
C ASN B 44 -2.36 -28.10 -11.11
N GLY B 45 -3.60 -28.38 -11.48
CA GLY B 45 -4.11 -29.73 -11.39
C GLY B 45 -4.81 -30.20 -12.64
N ALA B 46 -5.55 -31.30 -12.54
CA ALA B 46 -6.25 -31.84 -13.68
C ALA B 46 -7.40 -30.92 -14.10
N ALA B 47 -7.58 -30.78 -15.41
CA ALA B 47 -8.68 -30.01 -16.00
C ALA B 47 -8.53 -28.56 -15.55
N GLY B 48 -9.57 -27.95 -14.99
CA GLY B 48 -9.50 -26.56 -14.56
C GLY B 48 -9.33 -26.41 -13.07
N GLN B 49 -8.63 -27.37 -12.45
CA GLN B 49 -8.37 -27.32 -11.02
C GLN B 49 -7.01 -26.69 -10.76
N TYR B 50 -6.95 -25.89 -9.69
CA TYR B 50 -5.68 -25.40 -9.15
C TYR B 50 -5.81 -25.34 -7.64
N SER B 51 -4.66 -25.35 -6.96
CA SER B 51 -4.62 -25.23 -5.52
C SER B 51 -3.51 -24.25 -5.15
N VAL B 52 -3.69 -23.59 -4.00
CA VAL B 52 -2.69 -22.65 -3.51
C VAL B 52 -2.72 -22.65 -1.99
N ASN B 53 -1.54 -22.69 -1.38
CA ASN B 53 -1.36 -22.56 0.04
C ASN B 53 -0.36 -21.45 0.30
N TRP B 54 -0.65 -20.59 1.28
CA TRP B 54 0.19 -19.45 1.56
C TRP B 54 0.23 -19.17 3.05
N LYS B 55 1.27 -18.46 3.47
CA LYS B 55 1.50 -18.16 4.87
C LYS B 55 2.19 -16.81 4.98
N ASP B 56 1.56 -15.87 5.69
CA ASP B 56 2.09 -14.51 5.86
C ASP B 56 2.45 -13.88 4.52
N CYS B 57 1.59 -14.08 3.53
CA CYS B 57 1.86 -13.61 2.18
C CYS B 57 1.85 -12.08 2.13
N GLY B 58 2.46 -11.54 1.07
CA GLY B 58 2.36 -10.13 0.79
C GLY B 58 1.10 -9.83 0.00
N SER B 59 1.21 -9.92 -1.32
CA SER B 59 0.05 -9.83 -2.21
C SER B 59 0.23 -10.87 -3.30
N PHE B 60 -0.86 -11.57 -3.64
CA PHE B 60 -0.78 -12.55 -4.71
C PHE B 60 -2.17 -12.74 -5.32
N THR B 61 -2.17 -13.08 -6.60
CA THR B 61 -3.37 -13.49 -7.32
C THR B 61 -3.07 -14.79 -8.05
N SER B 62 -4.08 -15.66 -8.15
CA SER B 62 -3.90 -16.95 -8.77
C SER B 62 -5.25 -17.48 -9.24
N GLY B 63 -5.24 -18.18 -10.36
CA GLY B 63 -6.49 -18.73 -10.86
C GLY B 63 -6.31 -19.39 -12.21
N LYS B 64 -7.35 -20.12 -12.60
CA LYS B 64 -7.46 -20.74 -13.91
C LYS B 64 -8.66 -20.18 -14.63
N GLY B 65 -8.57 -20.13 -15.96
CA GLY B 65 -9.67 -19.63 -16.75
C GLY B 65 -9.41 -19.57 -18.24
N TRP B 66 -9.72 -18.42 -18.84
CA TRP B 66 -9.61 -18.21 -20.26
C TRP B 66 -8.64 -17.08 -20.55
N ALA B 67 -7.87 -17.21 -21.62
CA ALA B 67 -6.96 -16.15 -22.03
C ALA B 67 -7.71 -14.93 -22.55
N THR B 68 -8.96 -15.10 -22.95
CA THR B 68 -9.80 -13.99 -23.43
C THR B 68 -11.15 -14.07 -22.75
N GLY B 69 -11.52 -13.02 -22.04
CA GLY B 69 -12.78 -12.98 -21.35
C GLY B 69 -13.97 -12.78 -22.29
N SER B 70 -15.16 -13.03 -21.75
CA SER B 70 -16.41 -12.84 -22.47
C SER B 70 -17.53 -12.92 -21.45
N ALA B 71 -18.77 -12.75 -21.94
CA ALA B 71 -19.95 -12.75 -21.07
C ALA B 71 -20.41 -14.16 -20.77
N ARG B 72 -19.48 -15.12 -20.79
CA ARG B 72 -19.79 -16.52 -20.56
C ARG B 72 -20.17 -16.77 -19.10
N ASN B 73 -20.93 -17.83 -18.88
CA ASN B 73 -21.11 -18.33 -17.53
C ASN B 73 -19.85 -19.05 -17.08
N ILE B 74 -19.65 -19.12 -15.76
CA ILE B 74 -18.43 -19.67 -15.19
C ILE B 74 -18.80 -20.47 -13.94
N ASN B 75 -18.27 -21.69 -13.84
CA ASN B 75 -18.49 -22.56 -12.70
C ASN B 75 -17.26 -22.61 -11.81
N PHE B 76 -17.49 -22.86 -10.52
CA PHE B 76 -16.39 -22.95 -9.56
C PHE B 76 -16.84 -23.82 -8.40
N SER B 77 -15.92 -24.60 -7.86
CA SER B 77 -16.20 -25.47 -6.72
C SER B 77 -14.89 -25.89 -6.08
N GLY B 78 -14.92 -26.05 -4.77
CA GLY B 78 -13.75 -26.46 -4.03
C GLY B 78 -13.81 -25.95 -2.60
N SER B 79 -12.63 -25.81 -2.00
CA SER B 79 -12.49 -25.35 -0.62
C SER B 79 -11.84 -23.98 -0.61
N PHE B 80 -12.29 -23.14 0.33
CA PHE B 80 -11.75 -21.78 0.50
C PHE B 80 -11.59 -21.55 1.99
N ASN B 81 -10.35 -21.72 2.49
CA ASN B 81 -10.05 -21.65 3.92
C ASN B 81 -9.02 -20.55 4.16
N PRO B 82 -9.45 -19.29 4.18
CA PRO B 82 -8.51 -18.20 4.46
C PRO B 82 -8.42 -17.88 5.93
N SER B 83 -7.22 -17.50 6.36
CA SER B 83 -6.98 -17.03 7.71
C SER B 83 -6.54 -15.56 7.61
N GLY B 84 -7.52 -14.70 7.34
CA GLY B 84 -7.24 -13.28 7.15
C GLY B 84 -7.89 -12.72 5.90
N ASN B 85 -7.24 -11.75 5.28
CA ASN B 85 -7.77 -11.10 4.10
C ASN B 85 -7.48 -11.96 2.86
N ALA B 86 -8.54 -12.37 2.16
CA ALA B 86 -8.40 -13.14 0.93
C ALA B 86 -9.69 -13.06 0.14
N TYR B 87 -9.58 -13.19 -1.18
CA TYR B 87 -10.72 -13.10 -2.08
C TYR B 87 -10.83 -14.36 -2.93
N LEU B 88 -12.07 -14.72 -3.26
CA LEU B 88 -12.36 -15.73 -4.26
C LEU B 88 -13.39 -15.13 -5.21
N ALA B 89 -12.96 -14.78 -6.42
CA ALA B 89 -13.80 -13.98 -7.30
C ALA B 89 -13.51 -14.31 -8.76
N VAL B 90 -14.54 -14.18 -9.59
CA VAL B 90 -14.33 -14.11 -11.03
C VAL B 90 -13.62 -12.80 -11.33
N TYR B 91 -12.43 -12.89 -11.93
CA TYR B 91 -11.52 -11.76 -12.01
C TYR B 91 -10.92 -11.68 -13.40
N GLY B 92 -10.77 -10.45 -13.90
CA GLY B 92 -10.23 -10.27 -15.22
C GLY B 92 -9.89 -8.81 -15.46
N TRP B 93 -9.31 -8.56 -16.63
CA TRP B 93 -8.92 -7.22 -17.03
C TRP B 93 -9.49 -6.92 -18.42
N THR B 94 -9.75 -5.66 -18.68
CA THR B 94 -10.09 -5.17 -20.00
C THR B 94 -9.18 -3.99 -20.33
N THR B 95 -9.04 -3.70 -21.62
CA THR B 95 -8.24 -2.57 -22.08
C THR B 95 -9.10 -1.64 -22.92
N SER B 96 -8.73 -0.36 -22.92
CA SER B 96 -9.40 0.70 -23.65
C SER B 96 -10.91 0.68 -23.41
N PRO B 97 -11.38 1.07 -22.21
CA PRO B 97 -10.57 1.55 -21.08
C PRO B 97 -10.01 0.41 -20.24
N LEU B 98 -8.86 0.64 -19.60
CA LEU B 98 -8.27 -0.37 -18.74
C LEU B 98 -9.10 -0.52 -17.47
N VAL B 99 -9.58 -1.72 -17.20
CA VAL B 99 -10.44 -2.00 -16.06
C VAL B 99 -9.99 -3.30 -15.40
N GLU B 100 -9.99 -3.30 -14.06
CA GLU B 100 -9.77 -4.51 -13.28
C GLU B 100 -11.05 -4.78 -12.48
N TYR B 101 -11.72 -5.89 -12.78
CA TYR B 101 -13.03 -6.15 -12.21
C TYR B 101 -13.03 -7.42 -11.38
N TYR B 102 -13.90 -7.42 -10.36
CA TYR B 102 -14.13 -8.56 -9.50
C TYR B 102 -15.61 -8.88 -9.47
N ILE B 103 -15.93 -10.17 -9.36
CA ILE B 103 -17.26 -10.64 -8.99
C ILE B 103 -17.05 -11.58 -7.82
N MET B 104 -17.05 -11.03 -6.61
CA MET B 104 -16.62 -11.77 -5.44
C MET B 104 -17.72 -12.70 -4.95
N GLU B 105 -17.38 -13.99 -4.82
CA GLU B 105 -18.28 -15.00 -4.27
C GLU B 105 -18.03 -15.28 -2.81
N ASN B 106 -16.77 -15.34 -2.40
CA ASN B 106 -16.39 -15.56 -1.01
C ASN B 106 -15.19 -14.69 -0.70
N TYR B 107 -14.96 -14.47 0.60
CA TYR B 107 -13.80 -13.73 1.05
C TYR B 107 -13.57 -14.03 2.53
N GLY B 108 -12.40 -13.63 3.01
CA GLY B 108 -12.03 -13.85 4.40
C GLY B 108 -12.71 -12.89 5.36
N GLU B 109 -11.93 -12.17 6.16
CA GLU B 109 -12.46 -11.29 7.19
C GLU B 109 -12.37 -9.82 6.82
N TYR B 110 -12.21 -9.51 5.53
CA TYR B 110 -12.14 -8.12 5.08
C TYR B 110 -13.06 -7.93 3.89
N ASN B 111 -14.02 -7.02 4.02
CA ASN B 111 -14.89 -6.64 2.92
C ASN B 111 -14.44 -5.28 2.40
N PRO B 112 -13.82 -5.19 1.23
CA PRO B 112 -13.33 -3.89 0.73
C PRO B 112 -14.44 -2.96 0.27
N GLY B 113 -15.69 -3.41 0.24
CA GLY B 113 -16.77 -2.54 -0.19
C GLY B 113 -17.01 -1.37 0.73
N SER B 114 -16.74 -1.54 2.02
CA SER B 114 -16.96 -0.48 3.00
C SER B 114 -15.89 0.61 2.90
N SER B 115 -15.22 0.69 1.75
CA SER B 115 -14.22 1.73 1.52
C SER B 115 -14.27 2.27 0.09
N MET B 116 -15.23 1.83 -0.72
CA MET B 116 -15.35 2.26 -2.11
C MET B 116 -16.71 2.93 -2.33
N ALA B 117 -16.87 3.50 -3.52
CA ALA B 117 -18.09 4.19 -3.88
C ALA B 117 -19.18 3.18 -4.21
N HIS B 118 -20.17 3.06 -3.33
CA HIS B 118 -21.33 2.22 -3.60
C HIS B 118 -22.10 2.80 -4.79
N LYS B 119 -22.52 1.92 -5.70
CA LYS B 119 -23.14 2.35 -6.94
C LYS B 119 -24.44 1.64 -7.31
N GLY B 120 -24.75 0.49 -6.73
CA GLY B 120 -25.99 -0.18 -7.07
C GLY B 120 -26.09 -1.57 -6.46
N THR B 121 -27.01 -2.36 -6.99
CA THR B 121 -27.31 -3.69 -6.47
C THR B 121 -27.83 -4.56 -7.60
N VAL B 122 -27.60 -5.87 -7.48
CA VAL B 122 -27.94 -6.81 -8.54
C VAL B 122 -28.37 -8.15 -7.94
N THR B 123 -29.49 -8.68 -8.42
CA THR B 123 -29.87 -10.05 -8.15
C THR B 123 -29.17 -10.99 -9.14
N SER B 124 -28.57 -12.07 -8.62
CA SER B 124 -27.95 -13.07 -9.49
C SER B 124 -27.59 -14.35 -8.74
N ASP B 125 -27.93 -15.50 -9.34
CA ASP B 125 -27.46 -16.81 -8.87
C ASP B 125 -27.82 -17.05 -7.41
N GLY B 126 -29.00 -16.59 -7.00
CA GLY B 126 -29.46 -16.82 -5.65
C GLY B 126 -28.88 -15.89 -4.61
N SER B 127 -28.50 -14.67 -4.99
CA SER B 127 -27.98 -13.70 -4.04
C SER B 127 -27.98 -12.32 -4.67
N VAL B 128 -28.08 -11.32 -3.82
CA VAL B 128 -27.99 -9.92 -4.23
C VAL B 128 -26.54 -9.46 -4.08
N TYR B 129 -26.04 -8.77 -5.10
CA TYR B 129 -24.65 -8.31 -5.13
C TYR B 129 -24.61 -6.80 -4.96
N ASP B 130 -23.80 -6.34 -3.99
CA ASP B 130 -23.54 -4.91 -3.86
C ASP B 130 -22.44 -4.51 -4.84
N ILE B 131 -22.69 -3.47 -5.63
CA ILE B 131 -21.76 -3.03 -6.66
C ILE B 131 -20.94 -1.85 -6.14
N TYR B 132 -19.68 -1.79 -6.58
CA TYR B 132 -18.77 -0.73 -6.19
C TYR B 132 -17.90 -0.34 -7.37
N ALA B 133 -17.25 0.82 -7.25
CA ALA B 133 -16.28 1.29 -8.23
C ALA B 133 -15.20 2.05 -7.50
N HIS B 134 -13.99 2.02 -8.05
CA HIS B 134 -12.85 2.65 -7.40
C HIS B 134 -11.76 2.90 -8.44
N GLN B 135 -11.13 4.06 -8.37
CA GLN B 135 -10.10 4.46 -9.32
C GLN B 135 -8.72 4.22 -8.72
N GLN B 136 -7.86 3.54 -9.46
CA GLN B 136 -6.47 3.35 -9.10
C GLN B 136 -5.62 4.35 -9.88
N VAL B 137 -4.87 5.18 -9.16
CA VAL B 137 -4.07 6.25 -9.77
C VAL B 137 -2.60 5.85 -9.68
N ASN B 138 -1.97 5.69 -10.84
CA ASN B 138 -0.55 5.33 -10.95
C ASN B 138 -0.22 4.12 -10.08
N GLN B 139 -0.85 3.00 -10.42
CA GLN B 139 -0.73 1.74 -9.70
C GLN B 139 -0.20 0.66 -10.63
N PRO B 140 0.36 -0.42 -10.08
CA PRO B 140 0.76 -1.54 -10.92
C PRO B 140 -0.46 -2.18 -11.59
N SER B 141 -0.30 -2.49 -12.89
CA SER B 141 -1.37 -3.08 -13.67
C SER B 141 -0.76 -4.08 -14.65
N ILE B 142 -1.62 -4.71 -15.45
CA ILE B 142 -1.14 -5.68 -16.43
C ILE B 142 -0.40 -5.01 -17.57
N VAL B 143 -0.59 -3.70 -17.76
CA VAL B 143 0.14 -2.94 -18.77
C VAL B 143 1.17 -2.01 -18.12
N GLY B 144 1.53 -2.27 -16.88
CA GLY B 144 2.52 -1.48 -16.17
C GLY B 144 1.89 -0.47 -15.23
N THR B 145 2.67 0.54 -14.89
CA THR B 145 2.18 1.65 -14.08
C THR B 145 1.11 2.39 -14.86
N ALA B 146 -0.12 2.39 -14.35
CA ALA B 146 -1.24 2.95 -15.09
C ALA B 146 -2.28 3.49 -14.13
N THR B 147 -3.24 4.22 -14.70
CA THR B 147 -4.38 4.76 -13.97
C THR B 147 -5.64 4.12 -14.55
N PHE B 148 -6.42 3.46 -13.69
CA PHE B 148 -7.55 2.68 -14.15
C PHE B 148 -8.61 2.63 -13.06
N ASN B 149 -9.75 2.01 -13.38
CA ASN B 149 -10.87 1.87 -12.48
C ASN B 149 -11.08 0.40 -12.12
N GLN B 150 -11.64 0.18 -10.94
CA GLN B 150 -11.96 -1.15 -10.45
C GLN B 150 -13.48 -1.31 -10.37
N TYR B 151 -13.99 -2.40 -10.91
CA TYR B 151 -15.41 -2.73 -10.84
C TYR B 151 -15.61 -3.92 -9.92
N TRP B 152 -16.60 -3.83 -9.03
CA TRP B 152 -16.81 -4.84 -8.01
C TRP B 152 -18.27 -5.24 -7.93
N SER B 153 -18.50 -6.55 -7.85
CA SER B 153 -19.79 -7.12 -7.47
C SER B 153 -19.53 -8.06 -6.30
N ILE B 154 -19.96 -7.67 -5.11
CA ILE B 154 -19.60 -8.36 -3.88
C ILE B 154 -20.84 -9.09 -3.39
N ARG B 155 -20.81 -10.41 -3.45
CA ARG B 155 -21.94 -11.25 -3.06
C ARG B 155 -22.22 -11.10 -1.56
N ARG B 156 -23.50 -10.94 -1.22
CA ARG B 156 -23.90 -10.90 0.18
C ARG B 156 -23.98 -12.29 0.79
N ASN B 157 -24.21 -13.31 -0.01
CA ASN B 157 -24.34 -14.69 0.46
C ASN B 157 -23.10 -15.46 0.01
N LYS B 158 -22.10 -15.52 0.88
CA LYS B 158 -20.82 -16.11 0.54
C LYS B 158 -20.97 -17.60 0.28
N ARG B 159 -20.23 -18.10 -0.72
CA ARG B 159 -20.29 -19.50 -1.10
C ARG B 159 -18.95 -19.91 -1.70
N SER B 160 -18.65 -21.21 -1.60
CA SER B 160 -17.44 -21.77 -2.17
C SER B 160 -17.71 -22.59 -3.44
N SER B 161 -18.96 -22.67 -3.87
CA SER B 161 -19.31 -23.43 -5.06
C SER B 161 -20.57 -22.85 -5.68
N GLY B 162 -20.65 -22.93 -6.99
CA GLY B 162 -21.80 -22.45 -7.72
C GLY B 162 -21.41 -21.99 -9.11
N THR B 163 -22.32 -21.25 -9.72
CA THR B 163 -22.13 -20.70 -11.07
C THR B 163 -22.27 -19.18 -11.01
N VAL B 164 -21.55 -18.50 -11.91
CA VAL B 164 -21.54 -17.05 -11.98
C VAL B 164 -21.93 -16.66 -13.40
N THR B 165 -23.11 -16.07 -13.55
CA THR B 165 -23.56 -15.56 -14.85
C THR B 165 -22.91 -14.20 -15.09
N THR B 166 -21.92 -14.17 -15.98
CA THR B 166 -21.16 -12.94 -16.19
C THR B 166 -22.04 -11.84 -16.81
N ALA B 167 -22.91 -12.22 -17.75
CA ALA B 167 -23.71 -11.24 -18.47
C ALA B 167 -24.55 -10.38 -17.53
N ASN B 168 -24.93 -10.93 -16.37
CA ASN B 168 -25.70 -10.16 -15.40
C ASN B 168 -24.88 -8.97 -14.90
N HIS B 169 -23.69 -9.22 -14.36
CA HIS B 169 -22.89 -8.17 -13.76
C HIS B 169 -22.36 -7.19 -14.80
N PHE B 170 -21.97 -7.71 -15.97
CA PHE B 170 -21.39 -6.83 -17.00
C PHE B 170 -22.42 -5.83 -17.51
N ASN B 171 -23.65 -6.29 -17.77
CA ASN B 171 -24.71 -5.38 -18.20
C ASN B 171 -25.12 -4.45 -17.08
N ALA B 172 -25.20 -4.95 -15.86
CA ALA B 172 -25.60 -4.12 -14.73
C ALA B 172 -24.54 -3.08 -14.39
N TRP B 173 -23.28 -3.36 -14.69
CA TRP B 173 -22.26 -2.31 -14.60
C TRP B 173 -22.45 -1.30 -15.72
N SER B 174 -22.95 -1.73 -16.88
CA SER B 174 -23.16 -0.81 -17.99
C SER B 174 -24.29 0.17 -17.70
N ARG B 175 -25.34 -0.29 -17.02
CA ARG B 175 -26.45 0.57 -16.64
C ARG B 175 -26.14 1.44 -15.43
N LEU B 176 -24.90 1.42 -14.94
CA LEU B 176 -24.49 2.27 -13.82
C LEU B 176 -23.26 3.11 -14.16
N GLY B 177 -22.93 3.22 -15.44
CA GLY B 177 -21.88 4.11 -15.90
C GLY B 177 -20.54 3.44 -16.18
N MET B 178 -20.28 2.27 -15.60
CA MET B 178 -18.99 1.61 -15.72
C MET B 178 -19.04 0.56 -16.83
N GLY B 179 -18.51 0.91 -17.99
CA GLY B 179 -18.41 0.00 -19.10
C GLY B 179 -17.03 -0.64 -19.19
N LEU B 180 -16.94 -1.65 -20.05
CA LEU B 180 -15.72 -2.43 -20.23
C LEU B 180 -15.12 -2.14 -21.60
N GLY B 181 -13.89 -2.62 -21.80
CA GLY B 181 -13.22 -2.46 -23.06
C GLY B 181 -12.87 -3.77 -23.73
N SER B 182 -11.75 -3.82 -24.43
CA SER B 182 -11.30 -5.06 -25.06
C SER B 182 -10.91 -6.07 -23.99
N HIS B 183 -11.45 -7.28 -24.08
CA HIS B 183 -11.30 -8.26 -23.02
C HIS B 183 -9.89 -8.83 -22.98
N ASN B 184 -9.27 -8.79 -21.79
CA ASN B 184 -8.04 -9.54 -21.53
C ASN B 184 -8.42 -10.85 -20.85
N TYR B 185 -7.52 -11.42 -20.05
CA TYR B 185 -7.80 -12.74 -19.49
C TYR B 185 -8.94 -12.68 -18.48
N GLN B 186 -9.51 -13.84 -18.19
CA GLN B 186 -10.63 -13.97 -17.26
C GLN B 186 -10.49 -15.30 -16.54
N ILE B 187 -10.38 -15.26 -15.21
CA ILE B 187 -10.11 -16.43 -14.40
C ILE B 187 -10.96 -16.37 -13.13
N VAL B 188 -11.00 -17.50 -12.43
CA VAL B 188 -11.52 -17.55 -11.06
C VAL B 188 -10.33 -17.35 -10.13
N ASN B 189 -10.27 -16.18 -9.49
CA ASN B 189 -9.07 -15.74 -8.80
C ASN B 189 -9.17 -16.01 -7.31
N THR B 190 -8.14 -16.66 -6.76
CA THR B 190 -7.93 -16.74 -5.32
C THR B 190 -6.79 -15.78 -4.99
N GLU B 191 -7.13 -14.68 -4.32
CA GLU B 191 -6.19 -13.59 -4.05
C GLU B 191 -6.10 -13.36 -2.55
N GLY B 192 -4.88 -13.18 -2.05
CA GLY B 192 -4.65 -12.93 -0.65
C GLY B 192 -3.83 -11.68 -0.43
N TYR B 193 -3.96 -11.13 0.78
CA TYR B 193 -3.23 -9.91 1.14
C TYR B 193 -2.93 -9.96 2.63
N GLN B 194 -1.66 -10.13 2.97
CA GLN B 194 -1.18 -10.13 4.36
C GLN B 194 -2.00 -11.10 5.22
N SER B 195 -2.05 -12.34 4.77
CA SER B 195 -2.86 -13.36 5.42
C SER B 195 -2.24 -14.73 5.16
N SER B 196 -2.89 -15.76 5.68
CA SER B 196 -2.53 -17.15 5.45
C SER B 196 -3.77 -17.92 5.02
N GLY B 197 -3.59 -19.18 4.67
CA GLY B 197 -4.70 -20.04 4.36
C GLY B 197 -4.37 -20.97 3.22
N SER B 198 -5.42 -21.63 2.72
CA SER B 198 -5.29 -22.58 1.63
C SER B 198 -6.56 -22.57 0.80
N ALA B 199 -6.44 -22.99 -0.46
CA ALA B 199 -7.58 -23.04 -1.37
C ALA B 199 -7.33 -24.11 -2.41
N SER B 200 -8.42 -24.69 -2.91
CA SER B 200 -8.32 -25.72 -3.95
C SER B 200 -9.66 -25.74 -4.68
N ILE B 201 -9.78 -24.90 -5.71
CA ILE B 201 -11.02 -24.74 -6.45
C ILE B 201 -10.82 -25.25 -7.87
N THR B 202 -11.95 -25.47 -8.56
CA THR B 202 -11.95 -26.03 -9.91
C THR B 202 -12.80 -25.13 -10.81
N VAL B 203 -12.28 -24.84 -12.00
CA VAL B 203 -12.93 -23.91 -12.92
C VAL B 203 -13.47 -24.70 -14.11
N SER B 204 -14.57 -24.20 -14.67
CA SER B 204 -15.16 -24.76 -15.88
C SER B 204 -16.16 -23.80 -16.50
N SER C 7 -8.87 17.01 42.29
CA SER C 7 -8.92 17.58 40.95
C SER C 7 -9.86 16.79 40.04
N GLN C 8 -10.72 17.50 39.33
CA GLN C 8 -11.71 16.89 38.45
C GLN C 8 -11.38 17.06 36.97
N ASN C 9 -10.16 17.49 36.64
CA ASN C 9 -9.75 17.69 35.26
C ASN C 9 -9.20 16.38 34.72
N THR C 10 -10.02 15.67 33.95
CA THR C 10 -9.63 14.38 33.37
C THR C 10 -8.91 14.52 32.03
N GLY C 11 -8.62 15.74 31.59
CA GLY C 11 -8.08 15.97 30.26
C GLY C 11 -6.83 16.83 30.31
N ASP C 12 -6.69 17.65 29.26
CA ASP C 12 -5.50 18.45 29.06
C ASP C 12 -5.54 19.71 29.92
N THR C 13 -4.35 20.31 30.09
CA THR C 13 -4.19 21.60 30.74
C THR C 13 -3.46 22.51 29.78
N VAL C 14 -4.19 23.44 29.17
CA VAL C 14 -3.66 24.32 28.15
C VAL C 14 -3.46 25.71 28.74
N ILE C 15 -2.27 26.26 28.56
CA ILE C 15 -1.91 27.60 29.01
C ILE C 15 -1.68 28.47 27.78
N ILE C 16 -2.10 29.72 27.84
CA ILE C 16 -1.98 30.66 26.73
C ILE C 16 -0.84 31.62 27.02
N TRP C 17 -0.01 31.85 26.01
CA TRP C 17 1.30 32.47 26.15
C TRP C 17 1.41 33.65 25.20
N GLY C 18 2.24 34.63 25.56
CA GLY C 18 2.54 35.73 24.66
C GLY C 18 1.65 36.93 24.75
N ARG C 19 1.00 37.17 25.90
CA ARG C 19 0.14 38.34 26.08
C ARG C 19 0.70 39.36 27.06
N ASN C 20 1.78 39.04 27.77
CA ASN C 20 2.45 40.00 28.65
C ASN C 20 3.94 39.68 28.64
N LYS C 21 4.77 40.73 28.49
CA LYS C 21 6.20 40.53 28.37
C LYS C 21 6.79 39.80 29.57
N ASP C 22 6.28 40.09 30.76
CA ASP C 22 6.88 39.60 32.00
C ASP C 22 6.36 38.22 32.41
N GLU C 23 5.70 37.51 31.52
CA GLU C 23 5.24 36.17 31.84
C GLU C 23 6.36 35.14 31.87
N GLY C 24 7.57 35.52 31.50
CA GLY C 24 8.66 34.58 31.41
C GLY C 24 8.80 34.04 30.00
N SER C 25 9.61 32.99 29.88
CA SER C 25 9.90 32.39 28.58
C SER C 25 8.86 31.33 28.25
N LEU C 26 9.03 30.70 27.08
CA LEU C 26 8.21 29.55 26.73
C LEU C 26 8.77 28.28 27.35
N ARG C 27 10.11 28.17 27.42
CA ARG C 27 10.73 27.09 28.17
C ARG C 27 10.33 27.12 29.64
N GLU C 28 10.04 28.31 30.17
CA GLU C 28 9.62 28.45 31.56
C GLU C 28 8.30 27.71 31.80
N ALA C 29 7.33 27.88 30.91
CA ALA C 29 6.02 27.28 31.09
C ALA C 29 6.10 25.75 31.01
N CYS C 30 6.93 25.23 30.11
CA CYS C 30 7.02 23.79 29.94
C CYS C 30 7.79 23.09 31.05
N ASP C 31 8.49 23.85 31.90
CA ASP C 31 9.15 23.27 33.07
C ASP C 31 8.33 23.39 34.34
N ALA C 32 7.21 24.12 34.31
CA ALA C 32 6.39 24.30 35.50
C ALA C 32 5.73 23.00 35.95
N GLY C 33 5.66 21.99 35.08
CA GLY C 33 5.04 20.74 35.45
C GLY C 33 3.55 20.81 35.65
N ARG C 34 2.88 21.77 35.03
CA ARG C 34 1.44 21.95 35.20
C ARG C 34 0.65 21.95 33.91
N TYR C 35 1.28 22.02 32.75
CA TYR C 35 0.58 22.12 31.48
C TYR C 35 0.91 20.94 30.59
N THR C 36 0.00 20.68 29.64
CA THR C 36 0.22 19.70 28.59
C THR C 36 0.27 20.33 27.20
N THR C 37 -0.25 21.55 27.05
CA THR C 37 -0.30 22.21 25.76
C THR C 37 -0.11 23.70 25.99
N VAL C 38 0.64 24.35 25.09
CA VAL C 38 0.84 25.79 25.13
C VAL C 38 0.33 26.39 23.83
N ILE C 39 -0.46 27.45 23.93
CA ILE C 39 -1.02 28.14 22.78
C ILE C 39 -0.29 29.48 22.64
N ILE C 40 0.55 29.59 21.61
CA ILE C 40 1.26 30.83 21.36
C ILE C 40 0.28 31.86 20.80
N SER C 41 0.38 33.09 21.29
CA SER C 41 -0.63 34.12 21.05
C SER C 41 0.07 35.47 20.96
N PHE C 42 -0.19 36.22 19.89
CA PHE C 42 -1.16 35.90 18.84
C PHE C 42 -0.52 35.91 17.45
N LEU C 43 -1.38 36.12 16.45
CA LEU C 43 -0.99 36.53 15.09
C LEU C 43 -2.06 37.54 14.68
N SER C 44 -1.81 38.82 15.00
CA SER C 44 -2.84 39.84 15.03
C SER C 44 -3.48 40.11 13.67
N ALA C 45 -2.75 40.74 12.76
CA ALA C 45 -3.32 41.25 11.52
C ALA C 45 -3.02 40.32 10.36
N PHE C 46 -4.03 40.09 9.52
CA PHE C 46 -3.90 39.31 8.30
C PHE C 46 -5.15 39.54 7.45
N GLY C 47 -4.98 39.42 6.13
CA GLY C 47 -6.11 39.45 5.22
C GLY C 47 -6.51 40.82 4.69
N TYR C 48 -6.99 41.70 5.58
CA TYR C 48 -7.37 43.07 5.24
C TYR C 48 -6.32 43.67 4.33
N ILE C 49 -5.06 43.42 4.69
CA ILE C 49 -3.91 43.88 3.91
C ILE C 49 -3.32 42.66 3.23
N PRO C 50 -3.36 42.59 1.89
CA PRO C 50 -2.91 41.37 1.20
C PRO C 50 -1.41 41.12 1.34
N GLY C 51 -0.65 42.06 1.87
CA GLY C 51 0.81 42.00 1.83
C GLY C 51 1.55 41.49 3.05
N THR C 52 1.48 42.19 4.18
CA THR C 52 2.23 41.78 5.35
C THR C 52 1.32 41.14 6.41
N TYR C 53 1.84 40.10 7.03
CA TYR C 53 1.15 39.30 8.04
C TYR C 53 1.79 39.61 9.40
N LYS C 54 0.97 40.08 10.33
CA LYS C 54 1.46 40.72 11.54
C LYS C 54 1.38 39.78 12.72
N LEU C 55 2.54 39.30 13.17
CA LEU C 55 2.64 38.67 14.47
C LEU C 55 2.57 39.73 15.55
N ASP C 56 1.96 39.38 16.68
CA ASP C 56 1.91 40.29 17.83
C ASP C 56 1.89 39.42 19.09
N ILE C 57 3.04 39.34 19.76
CA ILE C 57 3.10 38.69 21.07
C ILE C 57 3.49 39.74 22.10
N SER C 58 2.92 40.94 21.97
CA SER C 58 3.05 42.02 22.94
C SER C 58 4.49 42.40 23.23
N GLY C 59 5.42 41.92 22.41
CA GLY C 59 6.83 42.16 22.66
C GLY C 59 7.48 41.10 23.54
N HIS C 60 7.78 39.94 22.95
CA HIS C 60 8.58 38.92 23.59
C HIS C 60 9.84 38.73 22.77
N GLN C 61 10.91 38.24 23.40
CA GLN C 61 12.16 38.00 22.70
C GLN C 61 11.92 36.86 21.71
N VAL C 62 11.32 37.22 20.58
CA VAL C 62 10.86 36.32 19.53
C VAL C 62 11.97 35.37 19.08
N SER C 63 13.22 35.78 19.29
CA SER C 63 14.36 35.02 18.78
C SER C 63 14.53 33.67 19.47
N ALA C 64 13.98 33.48 20.67
CA ALA C 64 14.17 32.24 21.41
C ALA C 64 12.92 31.38 21.47
N VAL C 65 11.80 31.82 20.89
CA VAL C 65 10.59 31.02 20.89
C VAL C 65 10.80 29.72 20.12
N GLY C 66 11.56 29.80 19.02
CA GLY C 66 11.85 28.65 18.19
C GLY C 66 12.53 27.52 18.92
N PRO C 67 13.73 27.76 19.46
CA PRO C 67 14.38 26.73 20.27
C PRO C 67 13.59 26.33 21.49
N ASP C 68 12.73 27.22 22.00
CA ASP C 68 11.85 26.85 23.10
C ASP C 68 10.74 25.94 22.63
N ILE C 69 10.20 26.20 21.44
CA ILE C 69 9.16 25.33 20.88
C ILE C 69 9.66 23.90 20.75
N LYS C 70 10.90 23.73 20.28
CA LYS C 70 11.46 22.39 20.13
C LYS C 70 11.75 21.75 21.48
N TYR C 71 12.11 22.55 22.49
CA TYR C 71 12.44 21.99 23.80
C TYR C 71 11.22 21.36 24.46
N CYS C 72 10.06 22.01 24.37
CA CYS C 72 8.86 21.48 25.00
C CYS C 72 8.43 20.17 24.36
N GLN C 73 8.50 20.08 23.02
CA GLN C 73 8.13 18.86 22.34
C GLN C 73 9.02 17.69 22.77
N SER C 74 10.24 17.97 23.21
CA SER C 74 11.09 16.92 23.77
C SER C 74 10.58 16.44 25.12
N LYS C 75 9.77 17.25 25.80
CA LYS C 75 9.18 16.87 27.08
C LYS C 75 7.71 16.48 26.97
N GLY C 76 7.25 16.15 25.76
CA GLY C 76 5.89 15.70 25.56
C GLY C 76 4.85 16.80 25.45
N LYS C 77 5.27 18.05 25.37
CA LYS C 77 4.34 19.16 25.27
C LYS C 77 3.99 19.43 23.81
N LEU C 78 2.79 19.97 23.60
CA LEU C 78 2.28 20.28 22.26
C LEU C 78 2.08 21.78 22.15
N ILE C 79 2.57 22.36 21.05
CA ILE C 79 2.60 23.81 20.87
C ILE C 79 1.61 24.20 19.78
N LEU C 80 0.77 25.19 20.07
CA LEU C 80 -0.26 25.66 19.16
C LEU C 80 -0.03 27.12 18.81
N LEU C 81 -0.34 27.48 17.56
CA LEU C 81 -0.30 28.85 17.09
C LEU C 81 -1.73 29.39 17.03
N ALA C 82 -1.99 30.46 17.75
CA ALA C 82 -3.29 31.10 17.74
C ALA C 82 -3.27 32.27 16.76
N ILE C 83 -4.27 32.33 15.89
CA ILE C 83 -4.41 33.42 14.93
C ILE C 83 -5.59 34.26 15.33
N GLY C 84 -5.53 35.55 14.99
CA GLY C 84 -6.58 36.48 15.35
C GLY C 84 -6.39 37.07 16.73
N GLY C 85 -7.49 37.19 17.49
CA GLY C 85 -7.48 37.76 18.82
C GLY C 85 -8.59 38.78 18.96
N GLN C 86 -8.41 39.69 19.91
CA GLN C 86 -9.34 40.81 20.11
C GLN C 86 -8.66 42.07 19.58
N GLY C 87 -9.01 42.45 18.37
CA GLY C 87 -8.42 43.62 17.73
C GLY C 87 -7.20 43.27 16.88
N GLY C 88 -6.70 44.29 16.20
CA GLY C 88 -5.57 44.15 15.31
C GLY C 88 -5.91 44.15 13.84
N GLU C 89 -7.19 44.28 13.48
CA GLU C 89 -7.66 44.32 12.10
C GLU C 89 -7.27 43.03 11.35
N TYR C 90 -7.96 41.96 11.72
CA TYR C 90 -7.81 40.68 11.04
C TYR C 90 -9.14 40.27 10.40
N SER C 91 -9.02 39.62 9.25
CA SER C 91 -10.13 39.02 8.51
C SER C 91 -9.54 38.39 7.25
N LEU C 92 -10.37 37.72 6.46
CA LEU C 92 -9.93 37.15 5.18
C LEU C 92 -10.90 37.64 4.12
N PRO C 93 -10.65 38.83 3.54
CA PRO C 93 -11.62 39.45 2.62
C PRO C 93 -11.97 38.57 1.43
N SER C 94 -10.96 38.14 0.67
CA SER C 94 -11.17 37.30 -0.49
C SER C 94 -10.70 35.88 -0.19
N SER C 95 -11.29 34.92 -0.92
CA SER C 95 -10.81 33.54 -0.86
C SER C 95 -9.33 33.44 -1.24
N GLN C 96 -8.78 34.48 -1.86
CA GLN C 96 -7.35 34.58 -2.10
C GLN C 96 -6.57 34.84 -0.81
N ALA C 97 -7.15 35.62 0.13
CA ALA C 97 -6.42 35.92 1.36
C ALA C 97 -6.23 34.69 2.24
N ALA C 98 -7.18 33.76 2.21
CA ALA C 98 -7.03 32.52 2.98
C ALA C 98 -5.88 31.68 2.43
N VAL C 99 -5.71 31.66 1.10
CA VAL C 99 -4.63 30.89 0.48
C VAL C 99 -3.28 31.47 0.90
N ASP C 100 -3.13 32.79 0.81
CA ASP C 100 -1.87 33.41 1.19
C ASP C 100 -1.59 33.23 2.69
N LEU C 101 -2.65 33.30 3.52
CA LEU C 101 -2.47 33.02 4.94
C LEU C 101 -2.09 31.57 5.16
N HIS C 102 -2.68 30.65 4.39
CA HIS C 102 -2.32 29.24 4.48
C HIS C 102 -0.85 29.03 4.15
N ASP C 103 -0.43 29.50 2.97
CA ASP C 103 0.97 29.34 2.56
C ASP C 103 1.92 30.05 3.53
N HIS C 104 1.45 31.10 4.19
CA HIS C 104 2.28 31.72 5.21
C HIS C 104 2.45 30.80 6.41
N LEU C 105 1.36 30.21 6.90
CA LEU C 105 1.44 29.32 8.05
C LEU C 105 2.25 28.07 7.71
N TRP C 106 2.00 27.48 6.54
CA TRP C 106 2.61 26.21 6.19
C TRP C 106 4.12 26.32 6.05
N TYR C 107 4.60 27.41 5.45
CA TYR C 107 6.02 27.55 5.16
C TYR C 107 6.80 28.32 6.22
N SER C 108 6.14 29.17 7.01
CA SER C 108 6.86 29.94 8.02
C SER C 108 6.83 29.27 9.39
N TYR C 109 5.73 28.62 9.76
CA TYR C 109 5.60 27.99 11.06
C TYR C 109 5.47 26.47 10.99
N LEU C 110 4.64 25.96 10.08
CA LEU C 110 4.35 24.53 10.05
C LEU C 110 5.46 23.75 9.36
N GLY C 111 5.16 22.51 8.96
CA GLY C 111 6.17 21.60 8.45
C GLY C 111 6.66 21.87 7.04
N GLY C 112 6.09 22.86 6.34
CA GLY C 112 6.53 23.15 5.00
C GLY C 112 7.78 24.00 4.96
N ARG C 113 8.45 23.98 3.82
CA ARG C 113 9.70 24.70 3.65
C ARG C 113 9.76 25.35 2.26
N ARG C 114 10.15 26.61 2.24
CA ARG C 114 10.56 27.30 1.02
C ARG C 114 12.04 27.64 1.12
N ASN C 115 12.54 28.36 0.11
CA ASN C 115 13.93 28.78 0.11
C ASN C 115 14.12 30.25 0.46
N GLY C 116 13.09 31.07 0.29
CA GLY C 116 13.22 32.50 0.56
C GLY C 116 12.38 32.98 1.71
N VAL C 117 11.64 32.09 2.36
CA VAL C 117 10.79 32.49 3.48
C VAL C 117 11.63 32.52 4.75
N TYR C 118 11.23 33.38 5.68
CA TYR C 118 11.83 33.46 7.00
C TYR C 118 10.96 32.71 7.99
N ARG C 119 11.59 31.88 8.81
CA ARG C 119 10.87 31.12 9.84
C ARG C 119 11.26 31.67 11.21
N PRO C 120 10.36 32.38 11.90
CA PRO C 120 10.73 32.93 13.22
C PRO C 120 11.08 31.88 14.24
N PHE C 121 10.65 30.62 14.04
CA PHE C 121 10.86 29.56 15.02
C PHE C 121 11.88 28.53 14.55
N GLY C 122 12.70 28.87 13.55
CA GLY C 122 13.77 27.99 13.13
C GLY C 122 13.26 26.71 12.52
N ASP C 123 13.97 25.61 12.80
CA ASP C 123 13.59 24.29 12.30
C ASP C 123 12.49 23.65 13.12
N ALA C 124 12.03 24.29 14.20
CA ALA C 124 10.94 23.77 14.99
C ALA C 124 9.61 24.04 14.29
N ASN C 125 8.69 23.08 14.37
CA ASN C 125 7.40 23.17 13.70
C ASN C 125 6.30 23.29 14.75
N VAL C 126 5.42 24.28 14.57
CA VAL C 126 4.27 24.42 15.43
C VAL C 126 3.28 23.30 15.13
N ASN C 127 2.76 22.67 16.19
CA ASN C 127 1.95 21.47 16.03
C ASN C 127 0.57 21.72 15.46
N GLY C 128 0.10 22.96 15.41
CA GLY C 128 -1.21 23.23 14.86
C GLY C 128 -1.61 24.68 15.05
N ILE C 129 -2.75 25.02 14.45
CA ILE C 129 -3.26 26.39 14.43
C ILE C 129 -4.53 26.45 15.25
N ASP C 130 -4.63 27.48 16.10
CA ASP C 130 -5.81 27.73 16.91
C ASP C 130 -6.59 28.91 16.33
N PHE C 131 -7.88 28.70 16.09
CA PHE C 131 -8.72 29.71 15.42
C PHE C 131 -9.34 30.64 16.47
N PHE C 132 -8.48 31.46 17.06
CA PHE C 132 -8.92 32.48 18.02
C PHE C 132 -9.50 33.67 17.26
N ILE C 133 -10.68 33.47 16.72
CA ILE C 133 -11.36 34.47 15.90
C ILE C 133 -12.40 35.13 16.78
N ASP C 134 -11.98 36.15 17.53
CA ASP C 134 -12.90 36.84 18.42
C ASP C 134 -13.76 37.86 17.66
N GLN C 135 -13.13 38.75 16.89
CA GLN C 135 -13.83 39.73 16.09
C GLN C 135 -13.75 39.35 14.62
N GLY C 136 -13.97 40.33 13.75
CA GLY C 136 -14.05 40.07 12.32
C GLY C 136 -15.45 39.72 11.89
N ALA C 137 -15.53 38.97 10.78
CA ALA C 137 -16.81 38.49 10.27
C ALA C 137 -16.79 36.98 10.10
N ARG C 138 -17.55 36.47 9.14
CA ARG C 138 -17.54 35.05 8.79
C ARG C 138 -16.66 34.81 7.56
N GLU C 139 -15.41 35.27 7.59
CA GLU C 139 -14.63 35.45 6.37
C GLU C 139 -13.65 34.29 6.16
N HIS C 140 -14.11 33.27 5.43
CA HIS C 140 -13.27 32.32 4.70
C HIS C 140 -12.34 31.50 5.60
N TYR C 141 -12.70 31.29 6.86
CA TYR C 141 -11.89 30.43 7.70
C TYR C 141 -12.17 28.95 7.45
N ASN C 142 -13.35 28.62 6.91
CA ASN C 142 -13.65 27.23 6.59
C ASN C 142 -12.75 26.71 5.47
N GLU C 143 -12.52 27.54 4.44
CA GLU C 143 -11.58 27.17 3.39
C GLU C 143 -10.16 27.10 3.91
N LEU C 144 -9.82 27.93 4.88
CA LEU C 144 -8.50 27.85 5.51
C LEU C 144 -8.38 26.59 6.36
N ALA C 145 -9.48 26.18 7.01
CA ALA C 145 -9.45 24.98 7.83
C ALA C 145 -9.23 23.74 6.97
N LYS C 146 -9.98 23.62 5.87
CA LYS C 146 -9.81 22.47 4.98
C LYS C 146 -8.40 22.46 4.37
N MET C 147 -7.86 23.64 4.08
CA MET C 147 -6.53 23.71 3.49
C MET C 147 -5.44 23.30 4.46
N LEU C 148 -5.61 23.60 5.75
CA LEU C 148 -4.62 23.19 6.75
C LEU C 148 -4.77 21.71 7.09
N TYR C 149 -6.00 21.22 7.17
CA TYR C 149 -6.24 19.83 7.53
C TYR C 149 -5.72 18.87 6.47
N ASP C 150 -5.61 19.32 5.22
CA ASP C 150 -5.26 18.42 4.13
C ASP C 150 -3.85 17.85 4.27
N HIS C 151 -2.94 18.59 4.92
CA HIS C 151 -1.57 18.12 5.08
C HIS C 151 -1.47 16.89 5.96
N ASN C 152 -2.52 16.54 6.70
CA ASN C 152 -2.49 15.38 7.59
C ASN C 152 -2.40 14.06 6.83
N LYS C 153 -2.59 14.06 5.51
CA LYS C 153 -2.49 12.82 4.75
C LYS C 153 -1.05 12.35 4.59
N ASP C 154 -0.08 13.22 4.86
CA ASP C 154 1.32 12.83 4.87
C ASP C 154 1.77 12.29 6.22
N TYR C 155 0.88 12.23 7.20
CA TYR C 155 1.24 11.90 8.58
C TYR C 155 0.64 10.56 8.98
N ARG C 156 1.39 9.82 9.80
CA ARG C 156 0.98 8.51 10.27
C ARG C 156 1.08 8.45 11.79
N ALA C 157 0.07 7.86 12.42
CA ALA C 157 0.08 7.57 13.85
C ALA C 157 0.19 8.82 14.70
N THR C 158 -0.37 9.92 14.23
CA THR C 158 -0.37 11.19 14.96
C THR C 158 -1.34 12.14 14.27
N VAL C 159 -1.57 13.28 14.92
CA VAL C 159 -2.26 14.41 14.31
C VAL C 159 -1.16 15.36 13.85
N GLY C 160 -0.85 15.32 12.56
CA GLY C 160 0.28 16.09 12.06
C GLY C 160 0.05 17.59 12.17
N VAL C 161 -1.12 18.05 11.76
CA VAL C 161 -1.49 19.47 11.82
C VAL C 161 -2.83 19.54 12.52
N MET C 162 -2.81 19.87 13.81
CA MET C 162 -4.04 19.98 14.59
C MET C 162 -4.73 21.31 14.32
N VAL C 163 -6.04 21.26 14.14
CA VAL C 163 -6.85 22.45 13.88
C VAL C 163 -7.79 22.61 15.07
N THR C 164 -7.57 23.63 15.87
CA THR C 164 -8.40 23.93 17.03
C THR C 164 -9.03 25.32 16.86
N ALA C 165 -9.97 25.63 17.75
CA ALA C 165 -10.67 26.90 17.72
C ALA C 165 -10.91 27.38 19.15
N THR C 166 -10.97 28.70 19.31
CA THR C 166 -11.32 29.33 20.58
C THR C 166 -12.55 30.19 20.35
N THR C 167 -13.65 29.84 21.01
CA THR C 167 -14.96 30.34 20.65
C THR C 167 -15.52 31.29 21.70
N ARG C 168 -16.66 31.89 21.33
CA ARG C 168 -17.50 32.58 22.29
C ARG C 168 -18.04 31.59 23.31
N CYS C 169 -18.66 32.12 24.36
CA CYS C 169 -19.30 31.23 25.32
C CYS C 169 -20.70 30.82 24.86
N GLY C 170 -21.44 31.74 24.26
CA GLY C 170 -22.78 31.44 23.79
C GLY C 170 -22.73 30.72 22.46
N TYR C 171 -23.48 29.61 22.36
CA TYR C 171 -23.59 28.89 21.10
C TYR C 171 -24.78 29.42 20.31
N PRO C 172 -24.61 29.69 19.01
CA PRO C 172 -23.37 29.48 18.27
C PRO C 172 -22.50 30.73 18.14
N ASP C 173 -21.19 30.53 17.98
CA ASP C 173 -20.30 31.63 17.65
C ASP C 173 -20.54 32.02 16.20
N HIS C 174 -21.03 33.24 15.98
CA HIS C 174 -21.39 33.67 14.63
C HIS C 174 -20.17 33.74 13.72
N ARG C 175 -18.98 33.95 14.28
CA ARG C 175 -17.78 34.16 13.49
C ARG C 175 -16.92 32.91 13.37
N LEU C 176 -17.34 31.79 13.96
CA LEU C 176 -16.64 30.53 13.81
C LEU C 176 -17.54 29.36 13.44
N ASP C 177 -18.87 29.55 13.44
CA ASP C 177 -19.79 28.48 13.09
C ASP C 177 -19.58 27.99 11.65
N GLU C 178 -18.99 28.82 10.80
CA GLU C 178 -18.73 28.41 9.41
C GLU C 178 -17.67 27.32 9.35
N ALA C 179 -16.50 27.56 9.97
CA ALA C 179 -15.42 26.59 9.94
C ALA C 179 -15.72 25.39 10.83
N LEU C 180 -16.48 25.59 11.91
CA LEU C 180 -16.81 24.47 12.80
C LEU C 180 -17.70 23.44 12.12
N ALA C 181 -18.52 23.86 11.15
CA ALA C 181 -19.38 22.94 10.44
C ALA C 181 -18.60 21.94 9.60
N THR C 182 -17.34 22.23 9.29
CA THR C 182 -16.54 21.32 8.49
C THR C 182 -16.35 19.98 9.17
N GLY C 183 -16.36 19.95 10.49
CA GLY C 183 -16.05 18.73 11.22
C GLY C 183 -14.58 18.38 11.23
N LEU C 184 -13.71 19.37 10.98
CA LEU C 184 -12.27 19.14 10.87
C LEU C 184 -11.51 19.59 12.12
N PHE C 185 -12.20 20.19 13.09
CA PHE C 185 -11.54 20.76 14.26
C PHE C 185 -11.36 19.69 15.33
N HIS C 186 -10.09 19.46 15.72
CA HIS C 186 -9.81 18.45 16.74
C HIS C 186 -10.24 18.93 18.12
N ARG C 187 -9.98 20.19 18.45
CA ARG C 187 -10.27 20.73 19.77
C ARG C 187 -11.05 22.03 19.65
N ILE C 188 -11.91 22.28 20.64
CA ILE C 188 -12.67 23.52 20.75
C ILE C 188 -12.54 24.02 22.18
N HIS C 189 -12.00 25.22 22.34
CA HIS C 189 -11.88 25.85 23.65
C HIS C 189 -13.01 26.86 23.82
N VAL C 190 -13.87 26.63 24.80
CA VAL C 190 -15.03 27.47 25.06
C VAL C 190 -14.66 28.50 26.11
N LYS C 191 -14.47 29.75 25.67
CA LYS C 191 -14.10 30.82 26.58
C LYS C 191 -15.27 31.20 27.47
N MET C 192 -15.04 31.25 28.77
CA MET C 192 -16.02 31.74 29.72
C MET C 192 -15.83 33.20 30.08
N PHE C 193 -14.86 33.90 29.46
CA PHE C 193 -14.29 35.07 30.10
C PHE C 193 -14.04 36.26 29.17
N SER C 194 -14.70 36.35 28.02
CA SER C 194 -14.54 37.53 27.17
C SER C 194 -15.86 37.80 26.48
N ASP C 195 -15.95 38.97 25.84
CA ASP C 195 -17.19 39.53 25.32
C ASP C 195 -18.08 38.45 24.72
N GLY C 196 -19.24 38.27 25.33
CA GLY C 196 -19.98 37.03 25.19
C GLY C 196 -19.72 36.19 26.40
N ARG C 197 -19.62 36.84 27.56
CA ARG C 197 -19.39 36.12 28.80
C ARG C 197 -20.55 35.19 29.12
N CYS C 198 -20.24 34.03 29.68
CA CYS C 198 -21.47 33.41 30.12
C CYS C 198 -21.83 33.91 31.51
N PRO C 199 -23.10 34.16 31.77
CA PRO C 199 -23.55 34.33 33.16
C PRO C 199 -23.28 33.05 33.94
N ALA C 200 -22.95 33.21 35.22
CA ALA C 200 -22.60 32.06 36.05
C ALA C 200 -23.73 31.03 36.10
N TRP C 201 -24.98 31.49 36.00
CA TRP C 201 -26.13 30.60 36.04
C TRP C 201 -26.36 29.86 34.72
N SER C 202 -25.53 30.11 33.70
CA SER C 202 -25.68 29.44 32.41
C SER C 202 -24.35 28.95 31.87
N ARG C 203 -23.32 28.83 32.72
CA ARG C 203 -22.03 28.34 32.26
C ARG C 203 -22.11 26.85 31.90
N ARG C 204 -22.60 26.03 32.83
CA ARG C 204 -22.66 24.60 32.59
C ARG C 204 -23.56 24.26 31.41
N GLN C 205 -24.73 24.92 31.32
CA GLN C 205 -25.65 24.65 30.23
C GLN C 205 -25.05 25.04 28.88
N SER C 206 -24.26 26.13 28.85
CA SER C 206 -23.67 26.56 27.59
C SER C 206 -22.56 25.62 27.15
N PHE C 207 -21.71 25.18 28.10
CA PHE C 207 -20.64 24.26 27.74
C PHE C 207 -21.19 22.93 27.25
N GLU C 208 -22.22 22.42 27.92
CA GLU C 208 -22.81 21.14 27.52
C GLU C 208 -23.44 21.22 26.13
N LYS C 209 -23.99 22.38 25.77
CA LYS C 209 -24.51 22.56 24.42
C LYS C 209 -23.39 22.48 23.39
N TRP C 210 -22.26 23.15 23.67
CA TRP C 210 -21.11 23.06 22.79
C TRP C 210 -20.61 21.63 22.65
N ALA C 211 -20.57 20.90 23.77
CA ALA C 211 -20.04 19.53 23.76
C ALA C 211 -20.95 18.62 22.94
N LYS C 212 -22.26 18.66 23.20
CA LYS C 212 -23.20 17.79 22.50
C LYS C 212 -23.28 18.11 21.01
N THR C 213 -22.92 19.32 20.60
CA THR C 213 -23.03 19.70 19.19
C THR C 213 -21.88 19.15 18.36
N TYR C 214 -20.68 19.10 18.94
CA TYR C 214 -19.47 18.64 18.24
C TYR C 214 -18.91 17.43 18.97
N PRO C 215 -19.53 16.26 18.81
CA PRO C 215 -19.06 15.07 19.53
C PRO C 215 -17.72 14.54 19.05
N GLN C 216 -17.28 14.92 17.84
CA GLN C 216 -16.00 14.49 17.31
C GLN C 216 -14.90 15.51 17.53
N SER C 217 -15.14 16.51 18.37
CA SER C 217 -14.12 17.45 18.79
C SER C 217 -13.97 17.37 20.31
N ARG C 218 -12.74 17.38 20.79
CA ARG C 218 -12.51 17.49 22.22
C ARG C 218 -12.79 18.92 22.66
N VAL C 219 -13.77 19.10 23.54
CA VAL C 219 -14.23 20.42 23.93
C VAL C 219 -13.64 20.75 25.30
N LEU C 220 -12.91 21.86 25.37
CA LEU C 220 -12.26 22.32 26.58
C LEU C 220 -12.89 23.62 27.06
N ILE C 221 -12.83 23.87 28.36
CA ILE C 221 -13.41 25.06 28.97
C ILE C 221 -12.30 26.08 29.19
N GLY C 222 -12.55 27.32 28.78
CA GLY C 222 -11.60 28.40 28.92
C GLY C 222 -11.90 29.23 30.16
N VAL C 223 -10.94 29.28 31.08
CA VAL C 223 -11.08 30.00 32.33
C VAL C 223 -9.92 30.97 32.49
N VAL C 224 -10.13 31.96 33.35
CA VAL C 224 -9.09 32.92 33.69
C VAL C 224 -8.36 32.44 34.93
N ALA C 225 -7.12 32.90 35.08
CA ALA C 225 -6.30 32.54 36.23
C ALA C 225 -6.39 33.56 37.36
N SER C 226 -7.05 34.69 37.15
CA SER C 226 -7.15 35.73 38.17
C SER C 226 -8.35 36.60 37.86
N PRO C 227 -9.00 37.16 38.89
CA PRO C 227 -10.14 38.07 38.63
C PRO C 227 -9.75 39.35 37.91
N ASP C 228 -8.45 39.66 37.82
CA ASP C 228 -8.03 40.87 37.12
C ASP C 228 -8.31 40.80 35.62
N VAL C 229 -8.35 39.59 35.07
CA VAL C 229 -8.64 39.43 33.64
C VAL C 229 -10.14 39.63 33.39
N ASP C 230 -10.97 38.94 34.14
CA ASP C 230 -12.42 39.09 34.03
C ASP C 230 -13.02 38.86 35.41
N LYS C 231 -13.62 39.90 35.99
CA LYS C 231 -14.17 39.79 37.34
C LYS C 231 -15.41 38.92 37.36
N ASP C 232 -16.36 39.17 36.47
CA ASP C 232 -17.63 38.46 36.46
C ASP C 232 -17.51 37.04 35.89
N ALA C 233 -16.32 36.62 35.46
CA ALA C 233 -16.12 35.29 34.91
C ALA C 233 -15.14 34.44 35.72
N TYR C 234 -14.44 35.02 36.68
CA TYR C 234 -13.46 34.26 37.44
C TYR C 234 -14.13 33.23 38.33
N MET C 235 -13.53 32.05 38.41
CA MET C 235 -13.95 31.00 39.32
C MET C 235 -12.72 30.54 40.09
N PRO C 236 -12.70 30.64 41.41
CA PRO C 236 -11.58 30.10 42.18
C PRO C 236 -11.39 28.62 41.89
N PRO C 237 -10.19 28.09 42.08
CA PRO C 237 -9.94 26.67 41.74
C PRO C 237 -10.95 25.70 42.35
N GLU C 238 -11.38 25.95 43.59
CA GLU C 238 -12.34 25.07 44.23
C GLU C 238 -13.69 25.08 43.49
N ALA C 239 -14.12 26.27 43.05
CA ALA C 239 -15.38 26.36 42.31
C ALA C 239 -15.25 25.71 40.93
N LEU C 240 -14.11 25.90 40.26
CA LEU C 240 -13.92 25.30 38.95
C LEU C 240 -13.91 23.77 39.05
N ASN C 241 -13.32 23.23 40.12
CA ASN C 241 -13.32 21.78 40.31
C ASN C 241 -14.74 21.27 40.51
N ASN C 242 -15.61 22.05 41.15
CA ASN C 242 -17.00 21.64 41.32
C ASN C 242 -17.73 21.61 39.99
N LEU C 243 -17.52 22.62 39.14
CA LEU C 243 -18.15 22.63 37.82
C LEU C 243 -17.59 21.52 36.94
N LEU C 244 -16.29 21.25 37.04
CA LEU C 244 -15.70 20.17 36.27
C LEU C 244 -16.33 18.83 36.64
N GLN C 245 -16.67 18.64 37.91
CA GLN C 245 -17.30 17.40 38.35
C GLN C 245 -18.58 17.11 37.58
N PHE C 246 -19.23 18.15 37.05
CA PHE C 246 -20.42 17.96 36.23
C PHE C 246 -20.08 17.85 34.75
N ILE C 247 -19.25 18.77 34.22
CA ILE C 247 -19.03 18.82 32.79
C ILE C 247 -18.04 17.77 32.30
N ASN C 248 -17.22 17.19 33.20
CA ASN C 248 -16.31 16.14 32.73
C ASN C 248 -17.04 14.83 32.46
N LYS C 249 -18.30 14.71 32.87
CA LYS C 249 -19.11 13.55 32.51
C LYS C 249 -19.52 13.57 31.04
N GLN C 250 -19.34 14.69 30.35
CA GLN C 250 -19.53 14.71 28.91
C GLN C 250 -18.50 13.79 28.26
N PRO C 251 -18.88 13.07 27.20
CA PRO C 251 -17.94 12.08 26.63
C PRO C 251 -16.76 12.72 25.93
N ASN C 252 -16.93 13.93 25.38
CA ASN C 252 -15.88 14.60 24.63
C ASN C 252 -15.26 15.77 25.40
N PHE C 253 -15.40 15.78 26.73
CA PHE C 253 -14.69 16.79 27.52
C PHE C 253 -13.19 16.61 27.38
N GLY C 254 -12.49 17.70 27.12
CA GLY C 254 -11.08 17.63 26.77
C GLY C 254 -10.12 18.18 27.79
N GLY C 255 -10.61 18.97 28.74
CA GLY C 255 -9.76 19.55 29.76
C GLY C 255 -10.05 21.03 29.92
N VAL C 256 -9.08 21.75 30.46
CA VAL C 256 -9.22 23.16 30.80
C VAL C 256 -8.16 23.95 30.05
N MET C 257 -8.53 25.16 29.61
CA MET C 257 -7.61 26.11 29.02
C MET C 257 -7.61 27.37 29.86
N VAL C 258 -6.42 27.82 30.28
CA VAL C 258 -6.26 28.86 31.28
C VAL C 258 -5.64 30.09 30.64
N TRP C 259 -6.26 31.25 30.86
CA TRP C 259 -5.75 32.54 30.42
C TRP C 259 -5.38 33.34 31.67
N ASP C 260 -4.10 33.62 31.84
CA ASP C 260 -3.05 33.15 30.95
C ASP C 260 -1.83 32.72 31.77
N ARG C 261 -0.67 32.64 31.12
CA ARG C 261 0.54 32.28 31.83
C ARG C 261 0.96 33.38 32.81
N PHE C 262 0.65 34.64 32.49
CA PHE C 262 1.05 35.75 33.34
C PHE C 262 0.39 35.65 34.72
N TYR C 263 -0.94 35.56 34.75
CA TYR C 263 -1.65 35.52 36.01
C TYR C 263 -1.62 34.14 36.66
N ASP C 264 -1.40 33.07 35.89
CA ASP C 264 -1.18 31.77 36.51
C ASP C 264 0.11 31.73 37.30
N LYS C 265 1.08 32.57 36.92
CA LYS C 265 2.29 32.70 37.73
C LYS C 265 2.00 33.44 39.03
N LYS C 266 1.26 34.55 38.95
CA LYS C 266 1.00 35.36 40.13
C LYS C 266 0.13 34.61 41.13
N THR C 267 -1.00 34.06 40.68
CA THR C 267 -1.97 33.44 41.58
C THR C 267 -1.68 31.97 41.85
N GLY C 268 -0.95 31.29 40.99
CA GLY C 268 -0.80 29.85 41.12
C GLY C 268 -2.11 29.11 40.94
N PHE C 269 -2.93 29.55 39.97
CA PHE C 269 -4.28 29.01 39.82
C PHE C 269 -4.25 27.52 39.51
N THR C 270 -3.52 27.14 38.46
CA THR C 270 -3.46 25.73 38.06
C THR C 270 -2.79 24.86 39.11
N ALA C 271 -2.03 25.45 40.03
CA ALA C 271 -1.42 24.65 41.09
C ALA C 271 -2.46 24.20 42.11
N HIS C 272 -3.35 25.11 42.52
CA HIS C 272 -4.38 24.77 43.50
C HIS C 272 -5.48 23.89 42.89
N LEU C 273 -5.63 23.90 41.57
CA LEU C 273 -6.63 23.07 40.91
C LEU C 273 -6.31 21.59 41.08
N VAL D 3 -0.99 -49.46 -29.65
CA VAL D 3 -1.63 -48.20 -29.98
C VAL D 3 -1.01 -47.07 -29.15
N SER D 4 -1.02 -45.86 -29.68
CA SER D 4 -0.35 -44.73 -29.07
C SER D 4 -1.34 -43.88 -28.27
N ALA D 5 -0.81 -43.22 -27.23
CA ALA D 5 -1.61 -42.30 -26.44
C ALA D 5 -1.98 -41.07 -27.26
N THR D 6 -3.04 -40.39 -26.81
CA THR D 6 -3.57 -39.24 -27.53
C THR D 6 -3.70 -38.05 -26.60
N SER D 7 -3.47 -36.86 -27.17
CA SER D 7 -3.65 -35.58 -26.48
C SER D 7 -2.92 -35.57 -25.13
N GLN D 8 -1.60 -35.69 -25.20
CA GLN D 8 -0.77 -35.74 -24.01
C GLN D 8 -0.13 -34.40 -23.66
N ASN D 9 -0.21 -33.41 -24.55
CA ASN D 9 0.33 -32.08 -24.25
C ASN D 9 -0.61 -31.38 -23.29
N THR D 10 -0.22 -31.33 -22.02
CA THR D 10 -1.00 -30.70 -20.97
C THR D 10 -0.69 -29.22 -20.80
N GLY D 11 0.12 -28.65 -21.68
CA GLY D 11 0.59 -27.28 -21.51
C GLY D 11 0.44 -26.47 -22.78
N ASP D 12 1.42 -25.60 -23.01
CA ASP D 12 1.36 -24.64 -24.10
C ASP D 12 1.71 -25.28 -25.43
N THR D 13 1.32 -24.59 -26.51
CA THR D 13 1.74 -24.92 -27.86
C THR D 13 2.33 -23.65 -28.47
N VAL D 14 3.65 -23.63 -28.63
CA VAL D 14 4.37 -22.44 -29.06
C VAL D 14 4.87 -22.66 -30.49
N ILE D 15 4.72 -21.65 -31.33
CA ILE D 15 5.05 -21.73 -32.75
C ILE D 15 6.16 -20.73 -33.05
N ILE D 16 7.09 -21.13 -33.91
CA ILE D 16 8.20 -20.28 -34.33
C ILE D 16 7.80 -19.56 -35.62
N TRP D 17 7.80 -18.23 -35.59
CA TRP D 17 7.39 -17.41 -36.71
C TRP D 17 8.55 -16.52 -37.15
N GLY D 18 8.68 -16.32 -38.45
CA GLY D 18 9.66 -15.42 -39.01
C GLY D 18 10.85 -16.03 -39.72
N ARG D 19 10.76 -17.30 -40.15
CA ARG D 19 11.89 -17.95 -40.81
C ARG D 19 11.70 -18.15 -42.31
N ASN D 20 10.48 -18.02 -42.82
CA ASN D 20 10.20 -18.16 -44.24
C ASN D 20 9.13 -17.16 -44.64
N LYS D 21 9.42 -16.35 -45.66
CA LYS D 21 8.51 -15.27 -46.04
C LYS D 21 7.14 -15.78 -46.46
N ASP D 22 7.07 -16.98 -47.02
CA ASP D 22 5.82 -17.52 -47.55
C ASP D 22 5.03 -18.34 -46.53
N GLU D 23 5.37 -18.21 -45.24
CA GLU D 23 4.68 -18.96 -44.20
C GLU D 23 3.34 -18.34 -43.82
N GLY D 24 3.01 -17.17 -44.34
CA GLY D 24 1.83 -16.45 -43.93
C GLY D 24 2.18 -15.32 -42.97
N SER D 25 1.14 -14.69 -42.44
CA SER D 25 1.31 -13.55 -41.56
C SER D 25 1.08 -13.95 -40.10
N LEU D 26 1.56 -13.09 -39.20
CA LEU D 26 1.38 -13.32 -37.78
C LEU D 26 -0.09 -13.36 -37.39
N ARG D 27 -0.94 -12.67 -38.16
CA ARG D 27 -2.36 -12.61 -37.84
C ARG D 27 -3.01 -13.99 -37.97
N GLU D 28 -2.90 -14.60 -39.15
CA GLU D 28 -3.57 -15.88 -39.39
C GLU D 28 -2.94 -17.02 -38.59
N ALA D 29 -1.68 -16.90 -38.20
CA ALA D 29 -1.10 -17.88 -37.29
C ALA D 29 -1.85 -17.89 -35.96
N CYS D 30 -2.25 -16.73 -35.48
CA CYS D 30 -3.08 -16.62 -34.29
C CYS D 30 -4.54 -16.90 -34.56
N ASP D 31 -4.92 -17.10 -35.83
CA ASP D 31 -6.27 -17.50 -36.19
C ASP D 31 -6.37 -18.99 -36.51
N ALA D 32 -5.24 -19.69 -36.67
CA ALA D 32 -5.25 -21.10 -37.00
C ALA D 32 -5.85 -21.97 -35.89
N GLY D 33 -6.00 -21.43 -34.68
CA GLY D 33 -6.56 -22.21 -33.59
C GLY D 33 -5.67 -23.34 -33.12
N ARG D 34 -4.35 -23.21 -33.29
CA ARG D 34 -3.42 -24.29 -32.95
C ARG D 34 -2.29 -23.85 -32.03
N TYR D 35 -2.19 -22.57 -31.70
CA TYR D 35 -1.07 -22.06 -30.92
C TYR D 35 -1.57 -21.27 -29.73
N THR D 36 -0.74 -21.21 -28.69
CA THR D 36 -0.95 -20.33 -27.55
C THR D 36 0.13 -19.27 -27.40
N THR D 37 1.28 -19.44 -28.06
CA THR D 37 2.39 -18.51 -27.95
C THR D 37 3.13 -18.50 -29.28
N VAL D 38 3.61 -17.33 -29.69
CA VAL D 38 4.37 -17.17 -30.91
C VAL D 38 5.70 -16.51 -30.58
N ILE D 39 6.78 -17.03 -31.16
CA ILE D 39 8.13 -16.54 -30.93
C ILE D 39 8.59 -15.89 -32.23
N ILE D 40 8.55 -14.57 -32.29
CA ILE D 40 9.05 -13.84 -33.46
C ILE D 40 10.58 -13.89 -33.44
N SER D 41 11.16 -14.46 -34.49
CA SER D 41 12.59 -14.68 -34.57
C SER D 41 13.11 -14.21 -35.92
N PHE D 42 14.29 -13.60 -35.95
CA PHE D 42 15.08 -13.31 -34.76
C PHE D 42 15.41 -11.82 -34.68
N LEU D 43 16.03 -11.41 -33.57
CA LEU D 43 16.82 -10.18 -33.51
C LEU D 43 18.26 -10.64 -33.68
N SER D 44 18.73 -10.62 -34.93
CA SER D 44 19.91 -11.39 -35.32
C SER D 44 21.23 -10.68 -35.05
N ALA D 45 21.25 -9.35 -34.97
CA ALA D 45 22.50 -8.61 -34.86
C ALA D 45 22.44 -7.66 -33.66
N PHE D 46 23.43 -7.78 -32.78
CA PHE D 46 23.57 -6.92 -31.63
C PHE D 46 24.93 -7.15 -30.99
N GLY D 47 25.38 -6.17 -30.21
CA GLY D 47 26.50 -6.36 -29.32
C GLY D 47 27.87 -6.34 -29.94
N TYR D 48 28.06 -7.10 -31.03
CA TYR D 48 29.38 -7.23 -31.63
C TYR D 48 29.95 -5.87 -32.04
N ILE D 49 29.14 -5.05 -32.68
CA ILE D 49 29.49 -3.68 -33.00
C ILE D 49 28.58 -2.76 -32.19
N PRO D 50 29.13 -1.86 -31.36
CA PRO D 50 28.29 -1.13 -30.40
C PRO D 50 27.35 -0.12 -31.02
N GLY D 51 26.79 -0.43 -32.19
CA GLY D 51 25.87 0.46 -32.86
C GLY D 51 24.52 -0.17 -33.14
N THR D 52 24.23 -0.43 -34.41
CA THR D 52 22.88 -0.73 -34.86
C THR D 52 22.43 -2.13 -34.42
N TYR D 53 21.14 -2.38 -34.64
CA TYR D 53 20.50 -3.65 -34.30
C TYR D 53 19.56 -4.03 -35.44
N LYS D 54 19.64 -5.27 -35.91
CA LYS D 54 18.91 -5.72 -37.08
C LYS D 54 17.93 -6.82 -36.71
N LEU D 55 16.67 -6.64 -37.09
CA LEU D 55 15.63 -7.66 -36.92
C LEU D 55 15.43 -8.37 -38.24
N ASP D 56 15.65 -9.68 -38.25
CA ASP D 56 15.57 -10.50 -39.46
C ASP D 56 14.35 -11.41 -39.36
N ILE D 57 13.30 -11.09 -40.12
CA ILE D 57 12.14 -11.97 -40.21
C ILE D 57 12.07 -12.54 -41.63
N SER D 58 13.23 -12.61 -42.29
CA SER D 58 13.39 -13.30 -43.58
C SER D 58 12.43 -12.76 -44.64
N GLY D 59 12.61 -11.49 -44.97
CA GLY D 59 11.83 -10.87 -46.02
C GLY D 59 10.40 -10.50 -45.66
N HIS D 60 9.91 -10.94 -44.50
CA HIS D 60 8.63 -10.44 -44.01
C HIS D 60 8.68 -8.92 -43.89
N GLN D 61 7.57 -8.27 -44.21
CA GLN D 61 7.49 -6.82 -44.10
C GLN D 61 6.88 -6.45 -42.75
N VAL D 62 7.54 -5.54 -42.04
CA VAL D 62 7.24 -5.32 -40.63
C VAL D 62 5.94 -4.57 -40.41
N SER D 63 5.41 -3.87 -41.42
CA SER D 63 4.26 -3.01 -41.23
C SER D 63 3.04 -3.76 -40.72
N ALA D 64 2.96 -5.06 -40.93
CA ALA D 64 1.86 -5.85 -40.40
C ALA D 64 2.17 -6.46 -39.04
N VAL D 65 3.45 -6.59 -38.69
CA VAL D 65 3.82 -7.28 -37.45
C VAL D 65 3.18 -6.61 -36.25
N GLY D 66 3.49 -5.34 -36.04
CA GLY D 66 2.99 -4.58 -34.91
C GLY D 66 1.48 -4.61 -34.76
N PRO D 67 0.76 -4.22 -35.82
CA PRO D 67 -0.72 -4.31 -35.76
C PRO D 67 -1.23 -5.72 -35.55
N ASP D 68 -0.48 -6.74 -35.98
CA ASP D 68 -0.91 -8.12 -35.77
C ASP D 68 -0.51 -8.66 -34.40
N ILE D 69 0.57 -8.13 -33.81
CA ILE D 69 0.87 -8.45 -32.42
C ILE D 69 -0.29 -8.05 -31.52
N LYS D 70 -0.77 -6.81 -31.69
CA LYS D 70 -1.96 -6.36 -30.96
C LYS D 70 -3.16 -7.22 -31.30
N TYR D 71 -3.25 -7.69 -32.54
CA TYR D 71 -4.32 -8.58 -32.95
C TYR D 71 -4.26 -9.91 -32.20
N CYS D 72 -3.05 -10.48 -32.11
CA CYS D 72 -2.89 -11.77 -31.44
C CYS D 72 -3.19 -11.66 -29.94
N GLN D 73 -2.69 -10.60 -29.30
CA GLN D 73 -2.96 -10.41 -27.88
C GLN D 73 -4.43 -10.15 -27.62
N SER D 74 -5.14 -9.59 -28.60
CA SER D 74 -6.58 -9.35 -28.42
C SER D 74 -7.33 -10.66 -28.27
N LYS D 75 -6.90 -11.70 -28.99
CA LYS D 75 -7.49 -13.02 -28.86
C LYS D 75 -6.93 -13.83 -27.71
N GLY D 76 -5.77 -13.43 -27.18
CA GLY D 76 -5.19 -14.10 -26.03
C GLY D 76 -3.87 -14.81 -26.28
N LYS D 77 -3.29 -14.66 -27.46
CA LYS D 77 -1.98 -15.26 -27.71
C LYS D 77 -0.90 -14.50 -26.93
N LEU D 78 0.21 -15.19 -26.69
CA LEU D 78 1.40 -14.58 -26.08
C LEU D 78 2.46 -14.43 -27.16
N ILE D 79 3.10 -13.27 -27.21
CA ILE D 79 4.05 -12.94 -28.26
C ILE D 79 5.41 -12.70 -27.62
N LEU D 80 6.40 -13.48 -28.06
CA LEU D 80 7.78 -13.36 -27.58
C LEU D 80 8.69 -12.99 -28.74
N LEU D 81 9.77 -12.30 -28.42
CA LEU D 81 10.79 -11.94 -29.41
C LEU D 81 12.08 -12.69 -29.09
N ALA D 82 12.52 -13.53 -30.02
CA ALA D 82 13.77 -14.24 -29.85
C ALA D 82 14.95 -13.35 -30.22
N ILE D 83 16.02 -13.44 -29.44
CA ILE D 83 17.26 -12.73 -29.71
C ILE D 83 18.36 -13.76 -29.97
N GLY D 84 19.27 -13.43 -30.87
CA GLY D 84 20.33 -14.35 -31.24
C GLY D 84 19.92 -15.21 -32.43
N GLY D 85 20.04 -16.52 -32.27
CA GLY D 85 19.70 -17.47 -33.30
C GLY D 85 20.92 -18.16 -33.88
N GLN D 86 20.75 -18.70 -35.09
CA GLN D 86 21.84 -19.34 -35.79
C GLN D 86 22.69 -18.30 -36.52
N GLY D 87 23.98 -18.60 -36.64
CA GLY D 87 24.89 -17.67 -37.28
C GLY D 87 25.43 -16.64 -36.32
N GLY D 88 26.75 -16.42 -36.34
CA GLY D 88 27.39 -15.54 -35.37
C GLY D 88 27.41 -14.07 -35.74
N GLU D 89 26.23 -13.46 -35.85
CA GLU D 89 26.11 -12.01 -36.03
C GLU D 89 25.79 -11.30 -34.73
N TYR D 90 25.96 -11.97 -33.59
CA TYR D 90 25.51 -11.43 -32.32
C TYR D 90 26.38 -11.96 -31.19
N SER D 91 26.52 -11.13 -30.15
CA SER D 91 27.15 -11.50 -28.89
C SER D 91 27.04 -10.33 -27.92
N LEU D 92 27.71 -10.44 -26.77
CA LEU D 92 27.75 -9.36 -25.78
C LEU D 92 29.15 -9.27 -25.22
N PRO D 93 30.01 -8.45 -25.84
CA PRO D 93 31.41 -8.37 -25.37
C PRO D 93 31.56 -7.71 -24.02
N SER D 94 30.89 -6.58 -23.80
CA SER D 94 31.02 -5.81 -22.58
C SER D 94 29.70 -5.71 -21.85
N SER D 95 29.76 -5.33 -20.57
CA SER D 95 28.56 -5.07 -19.80
C SER D 95 27.80 -3.87 -20.37
N GLN D 96 28.51 -2.95 -21.02
CA GLN D 96 27.84 -1.85 -21.70
C GLN D 96 26.97 -2.34 -22.85
N ALA D 97 27.40 -3.42 -23.53
CA ALA D 97 26.58 -3.99 -24.60
C ALA D 97 25.25 -4.51 -24.06
N ALA D 98 25.25 -5.05 -22.84
CA ALA D 98 24.01 -5.50 -22.24
C ALA D 98 23.08 -4.33 -21.93
N VAL D 99 23.63 -3.23 -21.42
CA VAL D 99 22.80 -2.06 -21.11
C VAL D 99 22.22 -1.47 -22.38
N ASP D 100 23.01 -1.42 -23.45
CA ASP D 100 22.52 -0.87 -24.71
C ASP D 100 21.45 -1.76 -25.32
N LEU D 101 21.70 -3.07 -25.34
CA LEU D 101 20.69 -4.01 -25.84
C LEU D 101 19.43 -3.95 -25.00
N HIS D 102 19.58 -3.90 -23.68
CA HIS D 102 18.42 -3.76 -22.80
C HIS D 102 17.67 -2.48 -23.09
N ASP D 103 18.40 -1.37 -23.24
CA ASP D 103 17.75 -0.09 -23.54
C ASP D 103 17.04 -0.13 -24.88
N HIS D 104 17.64 -0.79 -25.88
CA HIS D 104 16.99 -0.92 -27.18
C HIS D 104 15.74 -1.79 -27.08
N LEU D 105 15.84 -2.94 -26.42
CA LEU D 105 14.69 -3.82 -26.26
C LEU D 105 13.57 -3.13 -25.49
N TRP D 106 13.93 -2.38 -24.45
CA TRP D 106 12.92 -1.78 -23.58
C TRP D 106 12.14 -0.68 -24.30
N TYR D 107 12.83 0.15 -25.08
CA TYR D 107 12.20 1.31 -25.69
C TYR D 107 11.67 1.06 -27.10
N SER D 108 12.17 0.04 -27.80
CA SER D 108 11.73 -0.25 -29.17
C SER D 108 10.72 -1.39 -29.25
N TYR D 109 10.92 -2.45 -28.47
CA TYR D 109 10.03 -3.60 -28.50
C TYR D 109 9.21 -3.77 -27.23
N LEU D 110 9.73 -3.39 -26.07
CA LEU D 110 9.04 -3.59 -24.81
C LEU D 110 8.23 -2.34 -24.46
N GLY D 111 7.84 -2.20 -23.19
CA GLY D 111 6.92 -1.14 -22.78
C GLY D 111 7.53 0.24 -22.61
N GLY D 112 8.84 0.37 -22.73
CA GLY D 112 9.45 1.69 -22.60
C GLY D 112 9.19 2.56 -23.82
N ARG D 113 9.15 3.87 -23.58
CA ARG D 113 8.83 4.84 -24.62
C ARG D 113 9.82 6.00 -24.55
N ARG D 114 10.36 6.36 -25.71
CA ARG D 114 11.24 7.52 -25.84
C ARG D 114 10.78 8.34 -27.03
N ASN D 115 10.88 9.66 -26.93
CA ASN D 115 10.64 10.52 -28.07
C ASN D 115 11.77 10.36 -29.09
N GLY D 116 11.41 10.13 -30.34
CA GLY D 116 12.39 10.05 -31.39
C GLY D 116 13.11 8.72 -31.53
N VAL D 117 12.53 7.63 -31.02
CA VAL D 117 13.06 6.29 -31.25
C VAL D 117 12.08 5.54 -32.14
N TYR D 118 12.62 4.66 -32.97
CA TYR D 118 11.82 3.89 -33.90
C TYR D 118 11.43 2.56 -33.27
N ARG D 119 10.12 2.29 -33.23
CA ARG D 119 9.61 1.01 -32.77
C ARG D 119 9.12 0.24 -33.99
N PRO D 120 9.86 -0.78 -34.46
CA PRO D 120 9.43 -1.49 -35.67
C PRO D 120 8.03 -2.05 -35.59
N PHE D 121 7.54 -2.33 -34.38
CA PHE D 121 6.21 -2.91 -34.20
C PHE D 121 5.19 -1.88 -33.71
N GLY D 122 5.47 -0.59 -33.89
CA GLY D 122 4.51 0.43 -33.54
C GLY D 122 4.25 0.50 -32.05
N ASP D 123 2.99 0.72 -31.70
CA ASP D 123 2.56 0.81 -30.31
C ASP D 123 2.26 -0.55 -29.69
N ALA D 124 2.68 -1.64 -30.33
CA ALA D 124 2.48 -2.97 -29.77
C ALA D 124 3.61 -3.30 -28.82
N ASN D 125 3.27 -3.80 -27.64
CA ASN D 125 4.25 -4.22 -26.64
C ASN D 125 4.40 -5.73 -26.70
N VAL D 126 5.61 -6.19 -27.02
CA VAL D 126 5.89 -7.62 -26.99
C VAL D 126 5.90 -8.10 -25.54
N ASN D 127 5.46 -9.34 -25.34
CA ASN D 127 5.24 -9.85 -23.99
C ASN D 127 6.51 -10.35 -23.31
N GLY D 128 7.56 -10.64 -24.07
CA GLY D 128 8.77 -11.15 -23.45
C GLY D 128 9.89 -11.31 -24.46
N ILE D 129 11.04 -11.75 -23.94
CA ILE D 129 12.26 -11.91 -24.73
C ILE D 129 12.76 -13.33 -24.56
N ASP D 130 13.00 -14.02 -25.67
CA ASP D 130 13.51 -15.38 -25.67
C ASP D 130 15.00 -15.37 -25.97
N PHE D 131 15.78 -15.99 -25.08
CA PHE D 131 17.24 -16.01 -25.19
C PHE D 131 17.65 -17.18 -26.09
N PHE D 132 17.46 -17.00 -27.39
CA PHE D 132 17.86 -18.00 -28.38
C PHE D 132 19.33 -17.80 -28.72
N ILE D 133 20.17 -18.12 -27.73
CA ILE D 133 21.61 -17.89 -27.83
C ILE D 133 22.28 -19.16 -28.33
N ASP D 134 22.73 -19.15 -29.58
CA ASP D 134 23.24 -20.36 -30.21
C ASP D 134 24.67 -20.25 -30.72
N GLN D 135 25.12 -19.07 -31.16
CA GLN D 135 26.44 -18.97 -31.77
C GLN D 135 27.28 -17.82 -31.19
N GLY D 136 27.04 -17.44 -29.94
CA GLY D 136 27.89 -16.49 -29.23
C GLY D 136 28.96 -17.14 -28.37
N ALA D 137 29.23 -16.56 -27.18
CA ALA D 137 30.44 -16.94 -26.45
C ALA D 137 30.29 -16.90 -24.92
N ARG D 138 29.10 -17.20 -24.38
CA ARG D 138 28.87 -17.23 -22.94
C ARG D 138 29.12 -15.81 -22.39
N GLU D 139 28.19 -14.87 -22.69
CA GLU D 139 28.54 -13.45 -22.79
C GLU D 139 27.53 -12.60 -22.00
N HIS D 140 27.77 -12.46 -20.69
CA HIS D 140 27.08 -11.49 -19.83
C HIS D 140 25.56 -11.58 -19.90
N TYR D 141 24.98 -12.71 -20.29
CA TYR D 141 23.52 -12.77 -20.43
C TYR D 141 22.82 -12.75 -19.08
N ASN D 142 23.53 -13.05 -17.98
CA ASN D 142 22.93 -12.94 -16.65
C ASN D 142 22.54 -11.49 -16.36
N GLU D 143 23.36 -10.53 -16.81
CA GLU D 143 23.04 -9.12 -16.59
C GLU D 143 21.82 -8.71 -17.40
N LEU D 144 21.75 -9.12 -18.67
CA LEU D 144 20.62 -8.76 -19.51
C LEU D 144 19.32 -9.34 -18.94
N ALA D 145 19.39 -10.56 -18.41
CA ALA D 145 18.19 -11.16 -17.82
C ALA D 145 17.72 -10.39 -16.59
N LYS D 146 18.67 -9.99 -15.73
CA LYS D 146 18.31 -9.22 -14.54
C LYS D 146 17.76 -7.85 -14.93
N MET D 147 18.34 -7.23 -15.95
CA MET D 147 17.88 -5.91 -16.38
C MET D 147 16.46 -5.97 -16.94
N LEU D 148 16.16 -7.01 -17.73
CA LEU D 148 14.82 -7.14 -18.30
C LEU D 148 13.81 -7.53 -17.24
N TYR D 149 14.18 -8.47 -16.35
CA TYR D 149 13.25 -8.94 -15.33
C TYR D 149 12.81 -7.83 -14.39
N ASP D 150 13.68 -6.84 -14.15
CA ASP D 150 13.40 -5.81 -13.16
C ASP D 150 12.16 -4.98 -13.49
N HIS D 151 11.77 -4.91 -14.75
CA HIS D 151 10.59 -4.13 -15.12
C HIS D 151 9.30 -4.77 -14.62
N ASN D 152 9.34 -6.05 -14.24
CA ASN D 152 8.17 -6.71 -13.68
C ASN D 152 7.71 -6.10 -12.37
N LYS D 153 8.53 -5.24 -11.75
CA LYS D 153 8.14 -4.59 -10.50
C LYS D 153 7.01 -3.58 -10.70
N ASP D 154 6.75 -3.18 -11.95
CA ASP D 154 5.68 -2.24 -12.25
C ASP D 154 4.37 -2.93 -12.63
N TYR D 155 4.36 -4.26 -12.70
CA TYR D 155 3.20 -5.01 -13.16
C TYR D 155 2.53 -5.75 -12.02
N ARG D 156 1.21 -5.89 -12.10
CA ARG D 156 0.42 -6.66 -11.15
C ARG D 156 -0.41 -7.67 -11.91
N ALA D 157 -0.50 -8.89 -11.34
CA ALA D 157 -1.39 -9.94 -11.82
C ALA D 157 -1.05 -10.42 -13.23
N THR D 158 0.23 -10.38 -13.58
CA THR D 158 0.69 -10.87 -14.87
C THR D 158 2.22 -10.96 -14.83
N VAL D 159 2.77 -11.56 -15.88
CA VAL D 159 4.21 -11.53 -16.13
C VAL D 159 4.44 -10.42 -17.14
N GLY D 160 4.90 -9.26 -16.64
CA GLY D 160 5.03 -8.10 -17.50
C GLY D 160 6.06 -8.29 -18.60
N VAL D 161 7.24 -8.78 -18.23
CA VAL D 161 8.32 -9.04 -19.17
C VAL D 161 8.77 -10.48 -18.93
N MET D 162 8.34 -11.40 -19.79
CA MET D 162 8.71 -12.80 -19.65
C MET D 162 10.13 -13.00 -20.16
N VAL D 163 10.93 -13.72 -19.38
CA VAL D 163 12.31 -14.06 -19.75
C VAL D 163 12.36 -15.55 -19.99
N THR D 164 12.54 -15.94 -21.25
CA THR D 164 12.61 -17.34 -21.64
C THR D 164 13.92 -17.61 -22.36
N ALA D 165 14.32 -18.88 -22.36
CA ALA D 165 15.53 -19.32 -23.02
C ALA D 165 15.22 -20.53 -23.91
N THR D 166 16.03 -20.69 -24.95
CA THR D 166 15.92 -21.83 -25.86
C THR D 166 17.31 -22.44 -25.97
N THR D 167 17.47 -23.64 -25.41
CA THR D 167 18.77 -24.24 -25.20
C THR D 167 18.96 -25.48 -26.07
N ARG D 168 20.22 -25.88 -26.20
CA ARG D 168 20.55 -27.13 -26.87
C ARG D 168 19.99 -28.31 -26.07
N CYS D 169 20.02 -29.49 -26.70
CA CYS D 169 19.42 -30.66 -26.08
C CYS D 169 20.24 -31.16 -24.89
N GLY D 170 21.55 -31.25 -25.05
CA GLY D 170 22.39 -31.79 -24.01
C GLY D 170 22.68 -30.84 -22.86
N TYR D 171 22.28 -31.23 -21.65
CA TYR D 171 22.59 -30.44 -20.48
C TYR D 171 24.04 -30.67 -20.06
N PRO D 172 24.79 -29.60 -19.73
CA PRO D 172 24.31 -28.22 -19.73
C PRO D 172 24.59 -27.45 -21.02
N ASP D 173 23.85 -26.37 -21.24
CA ASP D 173 24.12 -25.44 -22.33
C ASP D 173 25.13 -24.41 -21.81
N HIS D 174 26.38 -24.54 -22.25
CA HIS D 174 27.48 -23.79 -21.65
C HIS D 174 27.35 -22.29 -21.82
N ARG D 175 26.47 -21.84 -22.70
CA ARG D 175 26.40 -20.45 -23.08
C ARG D 175 25.18 -19.74 -22.51
N LEU D 176 24.20 -20.51 -22.02
CA LEU D 176 23.08 -20.00 -21.27
C LEU D 176 23.10 -20.44 -19.82
N ASP D 177 24.05 -21.29 -19.43
CA ASP D 177 24.05 -21.83 -18.07
C ASP D 177 24.21 -20.74 -17.02
N GLU D 178 25.01 -19.71 -17.33
CA GLU D 178 25.20 -18.62 -16.38
C GLU D 178 23.92 -17.82 -16.20
N ALA D 179 23.21 -17.54 -17.30
CA ALA D 179 21.97 -16.78 -17.20
C ALA D 179 20.87 -17.59 -16.54
N LEU D 180 20.84 -18.91 -16.78
CA LEU D 180 19.80 -19.74 -16.19
C LEU D 180 19.98 -19.89 -14.69
N ALA D 181 21.21 -19.76 -14.20
CA ALA D 181 21.46 -19.87 -12.76
C ALA D 181 20.86 -18.73 -11.97
N THR D 182 20.54 -17.61 -12.62
CA THR D 182 19.94 -16.48 -11.91
C THR D 182 18.53 -16.78 -11.42
N GLY D 183 17.91 -17.85 -11.93
CA GLY D 183 16.57 -18.21 -11.50
C GLY D 183 15.46 -17.32 -11.99
N LEU D 184 15.73 -16.48 -12.99
CA LEU D 184 14.75 -15.50 -13.47
C LEU D 184 14.00 -15.95 -14.70
N PHE D 185 14.36 -17.08 -15.29
CA PHE D 185 13.77 -17.50 -16.56
C PHE D 185 12.43 -18.19 -16.31
N HIS D 186 11.36 -17.58 -16.82
CA HIS D 186 10.03 -18.16 -16.65
C HIS D 186 9.89 -19.47 -17.43
N ARG D 187 10.51 -19.54 -18.61
CA ARG D 187 10.37 -20.71 -19.47
C ARG D 187 11.72 -21.09 -20.05
N ILE D 188 11.88 -22.38 -20.31
CA ILE D 188 13.05 -22.92 -21.00
C ILE D 188 12.55 -23.86 -22.09
N HIS D 189 12.97 -23.60 -23.32
CA HIS D 189 12.61 -24.46 -24.45
C HIS D 189 13.81 -25.35 -24.77
N VAL D 190 13.67 -26.64 -24.50
CA VAL D 190 14.74 -27.60 -24.75
C VAL D 190 14.63 -28.06 -26.19
N LYS D 191 15.57 -27.64 -27.03
CA LYS D 191 15.57 -28.00 -28.43
C LYS D 191 15.99 -29.46 -28.60
N MET D 192 15.19 -30.22 -29.34
CA MET D 192 15.58 -31.56 -29.70
C MET D 192 16.33 -31.62 -31.02
N PHE D 193 16.38 -30.52 -31.79
CA PHE D 193 16.60 -30.65 -33.24
C PHE D 193 17.93 -30.13 -33.76
N SER D 194 18.35 -28.92 -33.42
CA SER D 194 19.59 -28.39 -33.99
C SER D 194 20.80 -28.82 -33.17
N ASP D 195 21.97 -28.38 -33.64
CA ASP D 195 23.27 -28.91 -33.24
C ASP D 195 23.40 -29.08 -31.74
N GLY D 196 23.92 -30.24 -31.31
CA GLY D 196 23.76 -30.68 -29.95
C GLY D 196 22.55 -31.57 -29.75
N ARG D 197 21.92 -32.00 -30.84
CA ARG D 197 20.70 -32.80 -30.74
C ARG D 197 20.96 -34.11 -30.02
N CYS D 198 20.00 -34.51 -29.19
CA CYS D 198 20.13 -35.77 -28.50
C CYS D 198 19.84 -36.93 -29.44
N PRO D 199 20.50 -38.06 -29.26
CA PRO D 199 20.07 -39.27 -29.95
C PRO D 199 18.65 -39.64 -29.52
N ALA D 200 17.94 -40.29 -30.43
CA ALA D 200 16.52 -40.55 -30.21
C ALA D 200 16.28 -41.41 -28.97
N TRP D 201 17.20 -42.32 -28.66
CA TRP D 201 17.01 -43.25 -27.56
C TRP D 201 17.24 -42.61 -26.19
N SER D 202 17.62 -41.35 -26.12
CA SER D 202 17.92 -40.70 -24.84
C SER D 202 17.27 -39.33 -24.74
N ARG D 203 16.16 -39.12 -25.45
CA ARG D 203 15.46 -37.84 -25.36
C ARG D 203 14.78 -37.68 -24.00
N ARG D 204 14.16 -38.76 -23.49
CA ARG D 204 13.44 -38.68 -22.23
C ARG D 204 14.37 -38.35 -21.07
N GLN D 205 15.51 -39.04 -20.99
CA GLN D 205 16.44 -38.83 -19.88
C GLN D 205 17.08 -37.44 -19.94
N SER D 206 17.22 -36.87 -21.14
CA SER D 206 17.80 -35.54 -21.25
C SER D 206 16.81 -34.45 -20.87
N PHE D 207 15.55 -34.58 -21.31
CA PHE D 207 14.54 -33.59 -20.92
C PHE D 207 14.30 -33.61 -19.41
N GLU D 208 14.20 -34.80 -18.82
CA GLU D 208 13.99 -34.89 -17.38
C GLU D 208 15.14 -34.25 -16.62
N LYS D 209 16.36 -34.37 -17.14
CA LYS D 209 17.50 -33.69 -16.52
C LYS D 209 17.32 -32.18 -16.55
N TRP D 210 16.86 -31.64 -17.69
CA TRP D 210 16.59 -30.21 -17.78
C TRP D 210 15.49 -29.79 -16.83
N ALA D 211 14.46 -30.62 -16.70
CA ALA D 211 13.30 -30.25 -15.88
C ALA D 211 13.63 -30.23 -14.40
N LYS D 212 14.39 -31.22 -13.92
CA LYS D 212 14.70 -31.28 -12.51
C LYS D 212 15.70 -30.21 -12.09
N THR D 213 16.59 -29.80 -13.00
CA THR D 213 17.61 -28.82 -12.66
C THR D 213 17.02 -27.43 -12.43
N TYR D 214 15.92 -27.10 -13.13
CA TYR D 214 15.29 -25.79 -13.04
C TYR D 214 13.83 -25.99 -12.65
N PRO D 215 13.56 -26.24 -11.37
CA PRO D 215 12.18 -26.56 -10.96
C PRO D 215 11.24 -25.37 -11.06
N GLN D 216 11.73 -24.15 -10.89
CA GLN D 216 10.90 -22.97 -10.94
C GLN D 216 10.80 -22.36 -12.34
N SER D 217 11.08 -23.15 -13.37
CA SER D 217 10.89 -22.74 -14.75
C SER D 217 10.04 -23.77 -15.46
N ARG D 218 9.02 -23.32 -16.17
CA ARG D 218 8.27 -24.22 -17.05
C ARG D 218 9.17 -24.61 -18.22
N VAL D 219 9.44 -25.90 -18.36
CA VAL D 219 10.33 -26.40 -19.39
C VAL D 219 9.49 -27.06 -20.49
N LEU D 220 9.80 -26.73 -21.74
CA LEU D 220 9.06 -27.21 -22.89
C LEU D 220 10.00 -27.99 -23.80
N ILE D 221 9.43 -28.92 -24.56
CA ILE D 221 10.19 -29.70 -25.53
C ILE D 221 10.06 -29.06 -26.89
N GLY D 222 11.19 -28.86 -27.57
CA GLY D 222 11.22 -28.24 -28.88
C GLY D 222 11.38 -29.29 -29.96
N VAL D 223 10.41 -29.33 -30.87
CA VAL D 223 10.38 -30.33 -31.92
C VAL D 223 10.30 -29.63 -33.28
N VAL D 224 10.68 -30.37 -34.32
CA VAL D 224 10.53 -29.90 -35.69
C VAL D 224 9.22 -30.41 -36.26
N ALA D 225 8.60 -29.61 -37.11
CA ALA D 225 7.31 -29.97 -37.68
C ALA D 225 7.41 -30.92 -38.86
N SER D 226 8.62 -31.18 -39.37
CA SER D 226 8.79 -32.03 -40.54
C SER D 226 10.23 -32.51 -40.59
N PRO D 227 10.49 -33.71 -41.12
CA PRO D 227 11.88 -34.18 -41.24
C PRO D 227 12.72 -33.36 -42.20
N ASP D 228 12.10 -32.49 -43.01
CA ASP D 228 12.88 -31.64 -43.90
C ASP D 228 13.78 -30.69 -43.11
N VAL D 229 13.30 -30.20 -41.98
CA VAL D 229 14.13 -29.35 -41.12
C VAL D 229 15.30 -30.16 -40.58
N ASP D 230 15.02 -31.20 -39.81
CA ASP D 230 16.04 -32.14 -39.35
C ASP D 230 15.44 -33.54 -39.32
N LYS D 231 16.05 -34.46 -40.07
CA LYS D 231 15.55 -35.83 -40.12
C LYS D 231 15.92 -36.60 -38.87
N ASP D 232 17.09 -36.32 -38.30
CA ASP D 232 17.56 -37.06 -37.12
C ASP D 232 16.66 -36.81 -35.92
N ALA D 233 16.15 -35.59 -35.78
CA ALA D 233 15.38 -35.21 -34.60
C ALA D 233 13.88 -35.27 -34.82
N TYR D 234 13.42 -35.52 -36.03
CA TYR D 234 11.98 -35.49 -36.30
C TYR D 234 11.26 -36.62 -35.59
N MET D 235 10.09 -36.30 -35.04
CA MET D 235 9.19 -37.28 -34.45
C MET D 235 7.80 -37.01 -35.00
N PRO D 236 7.13 -38.03 -35.54
CA PRO D 236 5.73 -37.85 -35.96
C PRO D 236 4.85 -37.56 -34.75
N PRO D 237 3.66 -37.00 -34.96
CA PRO D 237 2.81 -36.62 -33.83
C PRO D 237 2.49 -37.78 -32.89
N GLU D 238 2.38 -39.00 -33.42
CA GLU D 238 2.08 -40.15 -32.56
C GLU D 238 3.25 -40.46 -31.64
N ALA D 239 4.47 -40.39 -32.15
CA ALA D 239 5.65 -40.66 -31.33
C ALA D 239 5.81 -39.61 -30.25
N LEU D 240 5.60 -38.33 -30.58
CA LEU D 240 5.71 -37.27 -29.60
C LEU D 240 4.72 -37.45 -28.47
N ASN D 241 3.49 -37.88 -28.80
CA ASN D 241 2.49 -38.10 -27.76
C ASN D 241 2.90 -39.23 -26.83
N ASN D 242 3.54 -40.27 -27.37
CA ASN D 242 4.05 -41.34 -26.52
C ASN D 242 5.16 -40.85 -25.61
N LEU D 243 6.06 -40.02 -26.14
CA LEU D 243 7.10 -39.43 -25.30
C LEU D 243 6.52 -38.48 -24.27
N LEU D 244 5.51 -37.70 -24.66
CA LEU D 244 4.87 -36.78 -23.73
C LEU D 244 4.19 -37.53 -22.59
N GLN D 245 3.77 -38.77 -22.82
CA GLN D 245 3.07 -39.52 -21.79
C GLN D 245 3.92 -39.70 -20.54
N PHE D 246 5.24 -39.86 -20.71
CA PHE D 246 6.16 -39.87 -19.58
C PHE D 246 6.65 -38.49 -19.23
N ILE D 247 6.78 -37.60 -20.22
CA ILE D 247 7.42 -36.31 -20.02
C ILE D 247 6.51 -35.35 -19.25
N ASN D 248 5.20 -35.39 -19.51
CA ASN D 248 4.29 -34.48 -18.83
C ASN D 248 4.12 -34.78 -17.35
N LYS D 249 4.74 -35.84 -16.84
CA LYS D 249 4.65 -36.15 -15.42
C LYS D 249 5.57 -35.28 -14.58
N GLN D 250 6.54 -34.61 -15.19
CA GLN D 250 7.36 -33.66 -14.46
C GLN D 250 6.47 -32.52 -13.98
N PRO D 251 6.61 -32.09 -12.72
CA PRO D 251 5.71 -31.04 -12.20
C PRO D 251 5.88 -29.70 -12.89
N ASN D 252 7.00 -29.46 -13.57
CA ASN D 252 7.26 -28.18 -14.22
C ASN D 252 7.24 -28.29 -15.75
N PHE D 253 6.69 -29.37 -16.29
CA PHE D 253 6.53 -29.48 -17.74
C PHE D 253 5.60 -28.38 -18.24
N GLY D 254 5.97 -27.75 -19.35
CA GLY D 254 5.30 -26.53 -19.77
C GLY D 254 4.60 -26.58 -21.12
N GLY D 255 4.85 -27.63 -21.90
CA GLY D 255 4.18 -27.76 -23.18
C GLY D 255 5.19 -28.02 -24.28
N VAL D 256 4.78 -27.70 -25.51
CA VAL D 256 5.55 -28.01 -26.71
C VAL D 256 5.82 -26.73 -27.49
N MET D 257 7.05 -26.63 -28.01
CA MET D 257 7.42 -25.60 -28.96
C MET D 257 7.80 -26.29 -30.26
N VAL D 258 7.28 -25.80 -31.39
CA VAL D 258 7.48 -26.46 -32.66
C VAL D 258 8.13 -25.50 -33.65
N TRP D 259 8.94 -26.05 -34.55
CA TRP D 259 9.68 -25.30 -35.56
C TRP D 259 9.37 -25.91 -36.92
N ASP D 260 8.69 -25.17 -37.78
CA ASP D 260 8.18 -23.84 -37.47
C ASP D 260 6.77 -23.67 -38.06
N ARG D 261 6.36 -22.42 -38.28
CA ARG D 261 5.05 -22.18 -38.86
C ARG D 261 4.99 -22.59 -40.33
N PHE D 262 6.11 -22.40 -41.05
CA PHE D 262 6.15 -22.78 -42.47
C PHE D 262 5.85 -24.25 -42.65
N TYR D 263 6.32 -25.10 -41.73
CA TYR D 263 6.15 -26.54 -41.86
C TYR D 263 4.94 -27.08 -41.10
N ASP D 264 4.50 -26.39 -40.04
CA ASP D 264 3.27 -26.81 -39.37
C ASP D 264 2.06 -26.60 -40.27
N LYS D 265 2.14 -25.66 -41.21
CA LYS D 265 1.11 -25.54 -42.23
C LYS D 265 1.21 -26.67 -43.23
N LYS D 266 2.44 -26.97 -43.69
CA LYS D 266 2.64 -27.98 -44.72
C LYS D 266 2.22 -29.36 -44.25
N THR D 267 2.50 -29.69 -42.99
CA THR D 267 2.30 -31.03 -42.49
C THR D 267 1.13 -31.18 -41.54
N GLY D 268 0.63 -30.10 -40.95
CA GLY D 268 -0.40 -30.22 -39.94
C GLY D 268 0.08 -30.93 -38.69
N PHE D 269 1.34 -30.71 -38.31
CA PHE D 269 1.93 -31.43 -37.18
C PHE D 269 1.17 -31.16 -35.89
N THR D 270 0.97 -29.88 -35.56
CA THR D 270 0.24 -29.54 -34.34
C THR D 270 -1.23 -29.91 -34.43
N ALA D 271 -1.79 -30.01 -35.64
CA ALA D 271 -3.18 -30.42 -35.78
C ALA D 271 -3.38 -31.88 -35.37
N HIS D 272 -2.43 -32.74 -35.72
CA HIS D 272 -2.50 -34.15 -35.38
C HIS D 272 -1.98 -34.45 -33.98
N LEU D 273 -1.56 -33.43 -33.23
CA LEU D 273 -1.06 -33.65 -31.87
C LEU D 273 -2.21 -33.88 -30.89
#